data_5TE7
#
_entry.id   5TE7
#
_cell.length_a   62.675
_cell.length_b   65.547
_cell.length_c   241.522
_cell.angle_alpha   90.000
_cell.angle_beta   90.000
_cell.angle_gamma   90.000
#
_symmetry.space_group_name_H-M   'P 21 21 21'
#
loop_
_entity.id
_entity.type
_entity.pdbx_description
1 polymer 'Heavy chain of N6'
2 polymer 'Light chain of N6'
3 polymer 'HIV-1 gp120 core'
4 non-polymer '4-(2-HYDROXYETHYL)-1-PIPERAZINE ETHANESULFONIC ACID'
5 non-polymer 1,2-ETHANEDIOL
6 non-polymer 2-acetamido-2-deoxy-beta-D-glucopyranose
7 water water
#
loop_
_entity_poly.entity_id
_entity_poly.type
_entity_poly.pdbx_seq_one_letter_code
_entity_poly.pdbx_strand_id
1 'polypeptide(L)'
;RAHLVQSGTAMKKPGASVRVSCQTSGYTFTAHILFWFRQAPGRGLEWVGWIKPQYGAVNFGGGFRDRVTLTRDVYREIAY
MDIRGLKPDDTAVYYCARDRSYGDSSWALDAWGQGTTVVVSAASTKGPSVFPLAPSSKSTSGGTAALGCLVKDYFPEPVT
VSWNSGALTSGVHTFPAVLQSSGLYSLSSVVTVPSSSLGTQTYICNVNHKPSNTKVDKKVEPKSC
;
H
2 'polypeptide(L)'
;YIHVTQSPSSLSVSIGDRVTINCQTSQGVGSDLHWYQHKPGRAPKLLIHHTSSVEDGVPSRFSGSGFHTSFNLTISDLQA
DDIATYYCQVLQFFGRGSRLHIKRTVAAPSVFIFPPSDEQLKSGTASVVCLLNNFYPREAKVQWKVDNALQSGNSQESVT
EQDSKDSTYSLSSTLTLSKADYEKHKVYACEVTHQGLSSPVTKSFNRGEC
;
L
3 'polypeptide(L)'
;VWKEAKTTLFCASDAKAHKEEVHNIWATHACVPTDPNPQEIVLKNVTENFNMWKNDMVDQMHEDIISLWDQSLKPCVKLT
GGSAVTQACPKVSFDPIPIHYCAPAGYAILKCNNKTFNGTGPCNNVSTVQCTHGIKPVVSTQLLLNGSLAEEEVVIRFEN
LTNNAKIIIVHLNESVEINCTRPSNGGSGSGGDIRQAHCNISRKKWNTTLQRVKEKLKEKFPNKTIQFAPSSGGDLEITT
HSFNCRGEFFYCYTSDLFNSTYMSNNTGGANITLQCRIKQIIRMWQGVGQAMYAPPIAGNITCKSNITGLLLTRDGGKEK
NDTETFRPGGGDMRDNWRSELYKYKVVEIK
;
G
#
# COMPACT_ATOMS: atom_id res chain seq x y z
N ARG A 1 6.01 11.34 14.94
CA ARG A 1 5.50 10.58 16.13
C ARG A 1 5.09 9.17 15.74
N ALA A 2 4.24 9.05 14.73
CA ALA A 2 3.89 7.74 14.19
C ALA A 2 5.16 7.03 13.73
N HIS A 3 5.29 5.76 14.10
CA HIS A 3 6.49 5.00 13.80
C HIS A 3 6.11 3.56 13.47
N LEU A 4 6.69 3.03 12.39
CA LEU A 4 6.47 1.66 11.98
C LEU A 4 7.81 0.94 11.92
N VAL A 5 7.84 -0.30 12.42
CA VAL A 5 9.07 -1.09 12.48
C VAL A 5 8.73 -2.50 11.99
N GLN A 6 9.44 -2.94 10.95
CA GLN A 6 9.17 -4.22 10.31
C GLN A 6 10.18 -5.28 10.77
N SER A 7 9.85 -6.53 10.49
CA SER A 7 10.71 -7.65 10.84
C SER A 7 11.89 -7.75 9.89
N GLY A 8 12.83 -8.63 10.23
CA GLY A 8 14.08 -8.73 9.51
C GLY A 8 13.98 -9.51 8.21
N THR A 9 15.11 -9.57 7.51
CA THR A 9 15.15 -10.20 6.20
C THR A 9 14.73 -11.66 6.28
N ALA A 10 14.17 -12.16 5.18
CA ALA A 10 13.71 -13.54 5.09
C ALA A 10 14.32 -14.20 3.85
N MET A 11 14.92 -15.37 4.05
CA MET A 11 15.44 -16.20 2.97
C MET A 11 14.52 -17.41 2.81
N LYS A 12 13.93 -17.55 1.64
CA LYS A 12 12.91 -18.57 1.39
C LYS A 12 13.19 -19.29 0.08
N LYS A 13 12.70 -20.52 -0.01
CA LYS A 13 12.75 -21.28 -1.26
C LYS A 13 11.42 -21.21 -1.99
N PRO A 14 11.41 -21.50 -3.28
CA PRO A 14 10.14 -21.45 -4.03
C PRO A 14 9.09 -22.38 -3.41
N GLY A 15 7.86 -21.89 -3.35
CA GLY A 15 6.77 -22.66 -2.77
C GLY A 15 6.58 -22.45 -1.28
N ALA A 16 7.53 -21.84 -0.59
CA ALA A 16 7.44 -21.64 0.84
C ALA A 16 6.55 -20.44 1.16
N SER A 17 6.41 -20.14 2.45
CA SER A 17 5.59 -19.04 2.91
C SER A 17 6.42 -18.15 3.83
N VAL A 18 6.01 -16.88 3.92
CA VAL A 18 6.73 -15.90 4.71
C VAL A 18 5.72 -15.02 5.43
N ARG A 19 6.06 -14.62 6.66
CA ARG A 19 5.27 -13.67 7.44
C ARG A 19 6.13 -12.44 7.70
N VAL A 20 5.62 -11.27 7.30
CA VAL A 20 6.26 -9.99 7.56
C VAL A 20 5.40 -9.23 8.56
N SER A 21 6.01 -8.73 9.62
CA SER A 21 5.30 -8.01 10.66
C SER A 21 5.58 -6.52 10.56
N CYS A 22 4.66 -5.72 11.12
CA CYS A 22 4.76 -4.26 11.07
C CYS A 22 4.24 -3.74 12.40
N GLN A 23 5.16 -3.43 13.31
CA GLN A 23 4.81 -2.90 14.63
C GLN A 23 4.63 -1.38 14.54
N THR A 24 3.46 -0.89 14.95
CA THR A 24 3.15 0.53 14.92
C THR A 24 3.21 1.10 16.34
N SER A 25 3.32 2.42 16.40
CA SER A 25 3.32 3.14 17.68
C SER A 25 3.17 4.63 17.39
N GLY A 26 2.70 5.36 18.40
CA GLY A 26 2.64 6.81 18.33
C GLY A 26 1.40 7.39 17.68
N TYR A 27 0.33 6.60 17.53
CA TYR A 27 -0.90 7.12 16.94
C TYR A 27 -2.02 6.12 17.21
N THR A 28 -3.23 6.49 16.81
CA THR A 28 -4.41 5.65 17.00
C THR A 28 -4.43 4.58 15.92
N PHE A 29 -4.16 3.33 16.33
CA PHE A 29 -3.91 2.25 15.37
C PHE A 29 -5.11 2.04 14.44
N THR A 30 -6.31 1.97 15.00
CA THR A 30 -7.49 1.63 14.20
C THR A 30 -8.01 2.79 13.36
N ALA A 31 -7.39 3.97 13.43
CA ALA A 31 -7.88 5.15 12.74
C ALA A 31 -7.20 5.40 11.40
N HIS A 32 -6.18 4.63 11.03
CA HIS A 32 -5.42 4.87 9.81
C HIS A 32 -5.28 3.56 9.04
N ILE A 33 -5.54 3.63 7.74
CA ILE A 33 -5.33 2.47 6.87
C ILE A 33 -3.84 2.14 6.81
N LEU A 34 -3.54 0.85 6.75
CA LEU A 34 -2.18 0.37 6.55
C LEU A 34 -2.06 -0.27 5.17
N PHE A 35 -1.07 0.18 4.41
CA PHE A 35 -0.83 -0.30 3.06
C PHE A 35 0.44 -1.15 3.04
N TRP A 36 0.46 -2.12 2.14
CA TRP A 36 1.64 -2.92 1.86
C TRP A 36 2.05 -2.71 0.41
N PHE A 37 3.30 -2.31 0.22
CA PHE A 37 3.90 -2.13 -1.11
C PHE A 37 5.20 -2.93 -1.16
N ARG A 38 5.63 -3.26 -2.38
CA ARG A 38 6.91 -3.94 -2.57
C ARG A 38 7.66 -3.30 -3.73
N GLN A 39 8.99 -3.41 -3.69
CA GLN A 39 9.85 -2.90 -4.73
C GLN A 39 10.88 -3.96 -5.10
N ALA A 40 10.72 -4.56 -6.28
CA ALA A 40 11.71 -5.49 -6.79
C ALA A 40 12.92 -4.74 -7.31
N PRO A 41 14.07 -5.40 -7.40
CA PRO A 41 15.28 -4.70 -7.86
C PRO A 41 15.11 -4.11 -9.25
N GLY A 42 15.47 -2.83 -9.39
CA GLY A 42 15.37 -2.14 -10.65
C GLY A 42 13.98 -1.78 -11.11
N ARG A 43 12.97 -1.93 -10.26
CA ARG A 43 11.59 -1.64 -10.62
C ARG A 43 10.99 -0.62 -9.67
N GLY A 44 9.83 -0.10 -10.07
CA GLY A 44 9.09 0.82 -9.23
C GLY A 44 8.29 0.11 -8.16
N LEU A 45 7.65 0.91 -7.31
CA LEU A 45 6.82 0.37 -6.24
C LEU A 45 5.56 -0.26 -6.80
N GLU A 46 5.19 -1.41 -6.23
CA GLU A 46 4.02 -2.18 -6.66
C GLU A 46 3.12 -2.38 -5.45
N TRP A 47 1.83 -2.06 -5.61
CA TRP A 47 0.88 -2.18 -4.52
C TRP A 47 0.50 -3.64 -4.30
N VAL A 48 0.53 -4.08 -3.05
CA VAL A 48 0.12 -5.42 -2.68
C VAL A 48 -1.30 -5.43 -2.12
N GLY A 49 -1.58 -4.59 -1.13
CA GLY A 49 -2.90 -4.52 -0.54
C GLY A 49 -2.93 -3.53 0.59
N TRP A 50 -4.12 -3.41 1.19
CA TRP A 50 -4.27 -2.61 2.41
C TRP A 50 -5.22 -3.33 3.35
N ILE A 51 -5.18 -2.88 4.61
CA ILE A 51 -6.05 -3.42 5.65
C ILE A 51 -6.54 -2.25 6.49
N LYS A 52 -7.85 -2.23 6.75
CA LYS A 52 -8.44 -1.26 7.66
C LYS A 52 -8.45 -1.88 9.05
N PRO A 53 -7.59 -1.44 9.99
CA PRO A 53 -7.43 -2.19 11.24
C PRO A 53 -8.64 -2.20 12.15
N GLN A 54 -9.70 -1.45 11.84
CA GLN A 54 -10.88 -1.45 12.70
C GLN A 54 -11.46 -2.85 12.82
N TYR A 55 -11.91 -3.41 11.70
CA TYR A 55 -12.43 -4.77 11.67
C TYR A 55 -11.62 -5.68 10.76
N GLY A 56 -10.52 -5.18 10.20
CA GLY A 56 -9.66 -6.01 9.38
C GLY A 56 -10.10 -6.16 7.94
N ALA A 57 -10.91 -5.24 7.42
CA ALA A 57 -11.27 -5.26 6.01
C ALA A 57 -10.01 -5.11 5.17
N VAL A 58 -10.01 -5.75 4.00
CA VAL A 58 -8.82 -5.83 3.17
C VAL A 58 -9.16 -5.60 1.70
N ASN A 59 -8.14 -5.28 0.92
CA ASN A 59 -8.22 -5.25 -0.53
C ASN A 59 -6.83 -5.51 -1.06
N PHE A 60 -6.74 -5.82 -2.36
CA PHE A 60 -5.50 -6.30 -2.94
C PHE A 60 -5.34 -5.77 -4.35
N GLY A 61 -4.08 -5.66 -4.78
CA GLY A 61 -3.76 -5.38 -6.16
C GLY A 61 -3.64 -6.64 -6.99
N GLY A 62 -3.51 -6.45 -8.30
CA GLY A 62 -3.58 -7.53 -9.27
C GLY A 62 -2.86 -8.81 -8.90
N GLY A 63 -3.62 -9.85 -8.56
CA GLY A 63 -3.08 -11.18 -8.36
C GLY A 63 -2.78 -11.54 -6.92
N PHE A 64 -2.57 -10.55 -6.04
CA PHE A 64 -2.11 -10.85 -4.69
C PHE A 64 -3.21 -11.45 -3.82
N ARG A 65 -4.48 -11.21 -4.14
CA ARG A 65 -5.56 -11.76 -3.33
C ARG A 65 -5.47 -13.27 -3.20
N ASP A 66 -4.97 -13.95 -4.24
CA ASP A 66 -4.93 -15.40 -4.24
C ASP A 66 -3.87 -15.95 -3.30
N ARG A 67 -2.88 -15.15 -2.90
CA ARG A 67 -1.73 -15.67 -2.18
C ARG A 67 -1.39 -14.91 -0.91
N VAL A 68 -1.99 -13.75 -0.66
CA VAL A 68 -1.59 -12.89 0.45
C VAL A 68 -2.72 -12.78 1.45
N THR A 69 -2.38 -12.88 2.73
CA THR A 69 -3.33 -12.74 3.83
C THR A 69 -2.88 -11.59 4.71
N LEU A 70 -3.76 -10.61 4.90
CA LEU A 70 -3.47 -9.44 5.73
C LEU A 70 -4.29 -9.52 7.01
N THR A 71 -3.61 -9.39 8.15
CA THR A 71 -4.25 -9.45 9.45
C THR A 71 -3.62 -8.40 10.36
N ARG A 72 -4.20 -8.22 11.53
CA ARG A 72 -3.66 -7.29 12.51
C ARG A 72 -4.07 -7.72 13.91
N ASP A 73 -3.25 -7.32 14.88
CA ASP A 73 -3.55 -7.47 16.30
C ASP A 73 -3.83 -6.08 16.84
N VAL A 74 -5.10 -5.82 17.16
CA VAL A 74 -5.48 -4.48 17.64
C VAL A 74 -4.84 -4.20 18.99
N TYR A 75 -4.73 -5.22 19.85
CA TYR A 75 -4.17 -5.01 21.18
C TYR A 75 -2.72 -4.56 21.09
N ARG A 76 -1.90 -5.30 20.34
CA ARG A 76 -0.48 -4.98 20.20
C ARG A 76 -0.21 -3.95 19.10
N GLU A 77 -1.22 -3.57 18.34
CA GLU A 77 -1.09 -2.54 17.31
C GLU A 77 -0.03 -2.93 16.28
N ILE A 78 -0.21 -4.11 15.70
CA ILE A 78 0.77 -4.70 14.78
C ILE A 78 0.03 -5.36 13.64
N ALA A 79 0.56 -5.20 12.43
CA ALA A 79 -0.03 -5.77 11.22
C ALA A 79 0.87 -6.85 10.66
N TYR A 80 0.25 -7.85 10.02
CA TYR A 80 0.96 -9.00 9.48
C TYR A 80 0.62 -9.17 8.01
N MET A 81 1.63 -9.51 7.21
CA MET A 81 1.45 -9.89 5.81
C MET A 81 2.03 -11.28 5.62
N ASP A 82 1.17 -12.22 5.20
CA ASP A 82 1.56 -13.59 4.93
C ASP A 82 1.41 -13.86 3.45
N ILE A 83 2.45 -14.44 2.84
CA ILE A 83 2.47 -14.74 1.41
C ILE A 83 2.74 -16.22 1.24
N ARG A 84 1.87 -16.90 0.49
CA ARG A 84 1.99 -18.32 0.22
C ARG A 84 2.45 -18.53 -1.22
N GLY A 85 2.93 -19.74 -1.49
CA GLY A 85 3.41 -20.08 -2.82
C GLY A 85 4.45 -19.11 -3.33
N LEU A 86 5.50 -18.87 -2.56
CA LEU A 86 6.51 -17.90 -2.94
C LEU A 86 7.18 -18.31 -4.25
N LYS A 87 7.35 -17.34 -5.14
CA LYS A 87 8.02 -17.51 -6.42
C LYS A 87 9.29 -16.68 -6.45
N PRO A 88 10.25 -17.01 -7.32
CA PRO A 88 11.46 -16.19 -7.43
C PRO A 88 11.16 -14.70 -7.66
N ASP A 89 10.18 -14.39 -8.51
CA ASP A 89 9.87 -12.99 -8.79
C ASP A 89 9.18 -12.29 -7.64
N ASP A 90 9.00 -12.95 -6.49
CA ASP A 90 8.58 -12.29 -5.26
C ASP A 90 9.75 -11.67 -4.50
N THR A 91 10.97 -11.84 -4.99
CA THR A 91 12.13 -11.20 -4.39
C THR A 91 12.00 -9.68 -4.48
N ALA A 92 11.99 -9.02 -3.33
CA ALA A 92 11.75 -7.57 -3.30
C ALA A 92 11.87 -7.09 -1.86
N VAL A 93 11.87 -5.76 -1.72
CA VAL A 93 11.72 -5.12 -0.42
C VAL A 93 10.24 -4.81 -0.22
N TYR A 94 9.68 -5.29 0.88
CA TYR A 94 8.28 -5.08 1.22
C TYR A 94 8.18 -3.98 2.27
N TYR A 95 7.26 -3.04 2.07
CA TYR A 95 7.05 -1.91 2.97
C TYR A 95 5.63 -1.90 3.51
N CYS A 96 5.49 -1.59 4.79
CA CYS A 96 4.21 -1.18 5.35
C CYS A 96 4.25 0.34 5.54
N ALA A 97 3.10 0.98 5.33
CA ALA A 97 3.01 2.43 5.44
C ALA A 97 1.58 2.81 5.76
N ARG A 98 1.40 3.82 6.60
CA ARG A 98 0.07 4.21 7.02
C ARG A 98 -0.43 5.42 6.24
N ASP A 99 -1.74 5.47 6.06
CA ASP A 99 -2.38 6.65 5.50
C ASP A 99 -2.33 7.77 6.54
N ARG A 100 -1.87 8.95 6.12
CA ARG A 100 -1.82 10.07 7.04
C ARG A 100 -3.22 10.50 7.48
N SER A 101 -4.25 10.15 6.71
CA SER A 101 -5.60 10.63 6.98
C SER A 101 -6.22 9.89 8.15
N TYR A 102 -6.93 10.63 9.00
CA TYR A 102 -7.61 10.07 10.16
C TYR A 102 -9.02 9.67 9.74
N GLY A 103 -9.31 8.37 9.78
CA GLY A 103 -10.64 7.89 9.49
C GLY A 103 -11.07 8.00 8.04
N ASP A 104 -10.11 8.18 7.12
CA ASP A 104 -10.44 8.28 5.70
C ASP A 104 -9.28 7.68 4.90
N SER A 105 -9.41 7.69 3.58
CA SER A 105 -8.44 7.07 2.69
C SER A 105 -7.93 8.12 1.71
N SER A 106 -6.68 8.55 1.90
CA SER A 106 -6.05 9.52 1.01
C SER A 106 -4.93 8.93 0.17
N TRP A 107 -4.34 7.83 0.61
CA TRP A 107 -3.20 7.18 -0.04
C TRP A 107 -1.92 7.99 0.07
N ALA A 108 -1.93 9.10 0.81
CA ALA A 108 -0.70 9.80 1.16
C ALA A 108 -0.08 9.12 2.38
N LEU A 109 1.11 8.55 2.18
CA LEU A 109 1.72 7.67 3.17
C LEU A 109 2.81 8.48 3.90
N ASP A 110 2.52 8.87 5.14
CA ASP A 110 3.40 9.76 5.88
C ASP A 110 4.34 9.04 6.83
N ALA A 111 4.07 7.77 7.16
CA ALA A 111 4.97 6.98 7.98
C ALA A 111 5.20 5.64 7.29
N TRP A 112 6.47 5.23 7.21
CA TRP A 112 6.87 4.00 6.55
C TRP A 112 7.70 3.15 7.50
N GLY A 113 7.57 1.84 7.36
CA GLY A 113 8.54 0.94 7.95
C GLY A 113 9.85 0.97 7.17
N GLN A 114 10.90 0.44 7.80
CA GLN A 114 12.22 0.49 7.17
C GLN A 114 12.30 -0.42 5.95
N GLY A 115 11.34 -1.30 5.73
CA GLY A 115 11.40 -2.26 4.67
C GLY A 115 11.89 -3.61 5.15
N THR A 116 11.38 -4.67 4.52
CA THR A 116 11.79 -6.05 4.80
C THR A 116 12.20 -6.70 3.49
N THR A 117 13.46 -7.13 3.40
CA THR A 117 13.94 -7.84 2.23
C THR A 117 13.48 -9.30 2.31
N VAL A 118 12.89 -9.79 1.22
CA VAL A 118 12.49 -11.19 1.10
C VAL A 118 13.18 -11.73 -0.15
N VAL A 119 14.01 -12.75 0.03
CA VAL A 119 14.73 -13.39 -1.07
C VAL A 119 14.13 -14.78 -1.26
N VAL A 120 13.65 -15.05 -2.47
CA VAL A 120 13.09 -16.34 -2.84
C VAL A 120 14.01 -16.95 -3.88
N SER A 121 14.60 -18.10 -3.55
CA SER A 121 15.56 -18.71 -4.45
C SER A 121 15.72 -20.17 -4.10
N ALA A 122 15.92 -21.00 -5.12
CA ALA A 122 16.23 -22.41 -4.90
C ALA A 122 17.67 -22.63 -4.47
N ALA A 123 18.52 -21.60 -4.52
CA ALA A 123 19.92 -21.76 -4.18
C ALA A 123 20.09 -22.03 -2.68
N SER A 124 21.18 -22.72 -2.34
CA SER A 124 21.54 -23.00 -0.96
C SER A 124 22.72 -22.14 -0.54
N THR A 125 22.84 -21.95 0.77
CA THR A 125 23.90 -21.12 1.30
C THR A 125 25.25 -21.64 0.85
N LYS A 126 26.13 -20.73 0.39
CA LYS A 126 27.43 -21.15 -0.10
C LYS A 126 28.40 -19.97 0.03
N GLY A 127 29.59 -20.25 0.56
CA GLY A 127 30.60 -19.23 0.72
C GLY A 127 31.31 -18.96 -0.60
N PRO A 128 31.92 -17.80 -0.73
CA PRO A 128 32.56 -17.43 -1.99
C PRO A 128 33.95 -18.05 -2.15
N SER A 129 34.37 -18.15 -3.39
CA SER A 129 35.78 -18.29 -3.73
C SER A 129 36.32 -16.90 -4.02
N VAL A 130 37.54 -16.63 -3.56
CA VAL A 130 38.17 -15.32 -3.74
C VAL A 130 39.38 -15.50 -4.65
N PHE A 131 39.40 -14.77 -5.76
CA PHE A 131 40.50 -14.86 -6.69
C PHE A 131 41.15 -13.49 -6.87
N PRO A 132 42.47 -13.46 -7.09
CA PRO A 132 43.15 -12.16 -7.23
C PRO A 132 42.97 -11.57 -8.63
N LEU A 133 42.82 -10.25 -8.65
CA LEU A 133 42.91 -9.45 -9.88
C LEU A 133 44.27 -8.75 -9.81
N ALA A 134 45.26 -9.32 -10.48
CA ALA A 134 46.66 -8.96 -10.23
C ALA A 134 47.02 -7.67 -10.96
N PRO A 135 47.79 -6.78 -10.32
CA PRO A 135 48.30 -5.60 -11.01
C PRO A 135 49.50 -5.97 -11.89
N SER A 136 49.88 -5.00 -12.72
CA SER A 136 51.06 -5.15 -13.57
C SER A 136 51.85 -3.85 -13.55
N SER A 137 53.18 -3.97 -13.48
CA SER A 137 54.03 -2.78 -13.52
C SER A 137 54.05 -2.16 -14.90
N LYS A 138 53.90 -2.96 -15.96
CA LYS A 138 53.90 -2.43 -17.31
C LYS A 138 52.58 -1.71 -17.61
N SER A 139 51.47 -2.32 -17.22
CA SER A 139 50.16 -1.74 -17.52
C SER A 139 49.91 -0.53 -16.62
N THR A 140 49.68 0.63 -17.25
CA THR A 140 49.31 1.84 -16.54
C THR A 140 48.20 2.52 -17.33
N SER A 141 47.18 2.99 -16.63
CA SER A 141 46.12 3.78 -17.24
C SER A 141 45.76 4.91 -16.31
N GLY A 142 45.62 6.12 -16.86
CA GLY A 142 45.38 7.29 -16.03
C GLY A 142 46.47 7.54 -15.01
N GLY A 143 47.67 7.05 -15.26
CA GLY A 143 48.78 7.27 -14.36
C GLY A 143 48.74 6.48 -13.07
N THR A 144 48.01 5.37 -13.04
CA THR A 144 47.97 4.52 -11.86
C THR A 144 47.95 3.05 -12.28
N ALA A 145 48.28 2.18 -11.33
CA ALA A 145 48.02 0.76 -11.47
C ALA A 145 46.68 0.42 -10.81
N ALA A 146 46.21 -0.79 -11.04
CA ALA A 146 44.96 -1.26 -10.47
C ALA A 146 45.08 -2.72 -10.08
N LEU A 147 44.50 -3.07 -8.94
CA LEU A 147 44.45 -4.45 -8.46
C LEU A 147 43.10 -4.66 -7.79
N GLY A 148 42.81 -5.90 -7.42
CA GLY A 148 41.54 -6.18 -6.78
C GLY A 148 41.37 -7.64 -6.47
N CYS A 149 40.15 -7.98 -6.06
CA CYS A 149 39.77 -9.34 -5.68
C CYS A 149 38.43 -9.65 -6.32
N LEU A 150 38.33 -10.84 -6.92
CA LEU A 150 37.09 -11.36 -7.49
C LEU A 150 36.45 -12.29 -6.47
N VAL A 151 35.23 -11.96 -6.03
CA VAL A 151 34.53 -12.71 -4.99
C VAL A 151 33.37 -13.43 -5.69
N LYS A 152 33.56 -14.71 -6.00
CA LYS A 152 32.73 -15.41 -6.96
C LYS A 152 31.92 -16.53 -6.31
N ASP A 153 30.65 -16.61 -6.71
CA ASP A 153 29.80 -17.78 -6.46
C ASP A 153 29.44 -17.94 -4.98
N TYR A 154 28.63 -17.03 -4.45
CA TYR A 154 28.17 -17.15 -3.08
C TYR A 154 26.67 -16.91 -3.03
N PHE A 155 26.07 -17.37 -1.93
CA PHE A 155 24.66 -17.13 -1.67
C PHE A 155 24.40 -17.28 -0.16
N PRO A 156 23.56 -16.39 0.41
CA PRO A 156 22.94 -15.21 -0.18
C PRO A 156 23.82 -13.97 0.00
N GLU A 157 23.32 -12.80 -0.39
CA GLU A 157 23.97 -11.56 -0.04
C GLU A 157 23.80 -11.36 1.47
N PRO A 158 24.64 -10.52 2.08
CA PRO A 158 25.73 -9.77 1.45
C PRO A 158 27.09 -10.39 1.71
N VAL A 159 28.09 -9.94 0.96
CA VAL A 159 29.49 -10.11 1.32
C VAL A 159 30.07 -8.71 1.51
N THR A 160 30.92 -8.56 2.52
CA THR A 160 31.62 -7.31 2.78
C THR A 160 33.09 -7.47 2.43
N VAL A 161 33.69 -6.38 1.95
CA VAL A 161 35.10 -6.38 1.55
C VAL A 161 35.77 -5.15 2.14
N SER A 162 36.93 -5.34 2.74
CA SER A 162 37.81 -4.25 3.12
C SER A 162 39.20 -4.56 2.58
N TRP A 163 40.09 -3.58 2.67
CA TRP A 163 41.47 -3.73 2.24
C TRP A 163 42.41 -3.38 3.39
N ASN A 164 43.44 -4.19 3.55
CA ASN A 164 44.42 -4.01 4.62
C ASN A 164 43.73 -3.77 5.97
N SER A 165 42.67 -4.54 6.22
CA SER A 165 41.97 -4.52 7.50
C SER A 165 41.51 -3.11 7.87
N GLY A 166 41.11 -2.35 6.85
CA GLY A 166 40.64 -0.99 7.07
C GLY A 166 41.69 0.07 6.86
N ALA A 167 42.97 -0.31 6.73
CA ALA A 167 44.06 0.66 6.56
C ALA A 167 44.10 1.26 5.16
N LEU A 168 43.30 0.77 4.22
CA LEU A 168 43.28 1.29 2.86
C LEU A 168 41.83 1.45 2.43
N THR A 169 41.40 2.70 2.24
CA THR A 169 40.00 2.98 1.90
C THR A 169 39.88 3.89 0.68
N SER A 170 40.89 4.72 0.45
CA SER A 170 40.81 5.72 -0.62
C SER A 170 41.09 5.06 -1.97
N GLY A 171 40.16 5.25 -2.92
CA GLY A 171 40.29 4.65 -4.22
C GLY A 171 39.73 3.25 -4.33
N VAL A 172 39.16 2.71 -3.26
CA VAL A 172 38.55 1.39 -3.28
C VAL A 172 37.18 1.49 -3.93
N HIS A 173 36.91 0.58 -4.87
CA HIS A 173 35.57 0.45 -5.44
C HIS A 173 35.13 -1.00 -5.27
N THR A 174 34.14 -1.22 -4.42
CA THR A 174 33.52 -2.54 -4.26
C THR A 174 32.19 -2.52 -4.99
N PHE A 175 32.13 -3.22 -6.12
CA PHE A 175 30.97 -3.11 -7.00
C PHE A 175 29.76 -3.83 -6.39
N PRO A 176 28.55 -3.39 -6.72
CA PRO A 176 27.36 -4.17 -6.36
C PRO A 176 27.43 -5.55 -6.98
N ALA A 177 26.93 -6.54 -6.24
CA ALA A 177 26.94 -7.91 -6.71
C ALA A 177 26.03 -8.08 -7.92
N VAL A 178 26.41 -9.02 -8.78
CA VAL A 178 25.56 -9.43 -9.89
C VAL A 178 25.07 -10.84 -9.60
N LEU A 179 23.86 -11.13 -10.07
CA LEU A 179 23.25 -12.44 -9.94
C LEU A 179 23.51 -13.22 -11.22
N GLN A 180 24.16 -14.37 -11.10
CA GLN A 180 24.45 -15.22 -12.23
C GLN A 180 23.28 -16.17 -12.50
N SER A 181 23.26 -16.73 -13.71
CA SER A 181 22.23 -17.68 -14.10
C SER A 181 22.21 -18.91 -13.21
N SER A 182 23.32 -19.21 -12.53
CA SER A 182 23.37 -20.33 -11.59
C SER A 182 22.59 -20.05 -10.32
N GLY A 183 22.19 -18.82 -10.06
CA GLY A 183 21.56 -18.44 -8.82
C GLY A 183 22.51 -17.98 -7.73
N LEU A 184 23.82 -17.98 -7.99
CA LEU A 184 24.81 -17.48 -7.07
C LEU A 184 25.21 -16.07 -7.46
N TYR A 185 25.66 -15.30 -6.47
CA TYR A 185 26.11 -13.94 -6.70
C TYR A 185 27.63 -13.90 -6.89
N SER A 186 28.09 -12.79 -7.45
CA SER A 186 29.52 -12.52 -7.60
C SER A 186 29.73 -11.02 -7.57
N LEU A 187 30.87 -10.60 -7.03
CA LEU A 187 31.26 -9.19 -7.11
C LEU A 187 32.78 -9.11 -7.17
N SER A 188 33.26 -7.93 -7.56
CA SER A 188 34.68 -7.59 -7.51
C SER A 188 34.89 -6.38 -6.61
N SER A 189 36.09 -6.29 -6.03
CA SER A 189 36.52 -5.11 -5.32
C SER A 189 37.89 -4.71 -5.84
N VAL A 190 38.03 -3.46 -6.29
CA VAL A 190 39.27 -3.01 -6.90
C VAL A 190 39.79 -1.80 -6.13
N VAL A 191 41.06 -1.52 -6.34
CA VAL A 191 41.66 -0.28 -5.85
C VAL A 191 42.74 0.12 -6.83
N THR A 192 42.84 1.43 -7.08
CA THR A 192 43.89 1.99 -7.92
C THR A 192 44.99 2.51 -7.01
N VAL A 193 46.23 2.20 -7.35
CA VAL A 193 47.38 2.55 -6.50
C VAL A 193 48.53 3.00 -7.38
N PRO A 194 49.48 3.73 -6.79
CA PRO A 194 50.67 4.13 -7.56
C PRO A 194 51.43 2.93 -8.08
N SER A 195 51.91 3.04 -9.32
CA SER A 195 52.68 1.95 -9.91
C SER A 195 53.99 1.74 -9.16
N SER A 196 54.64 2.83 -8.74
CA SER A 196 55.97 2.75 -8.14
C SER A 196 55.97 2.02 -6.80
N SER A 197 54.81 1.83 -6.17
CA SER A 197 54.72 1.20 -4.86
C SER A 197 54.39 -0.29 -4.93
N LEU A 198 54.16 -0.83 -6.13
CA LEU A 198 53.71 -2.22 -6.23
C LEU A 198 54.72 -3.22 -5.68
N GLY A 199 55.97 -2.81 -5.48
CA GLY A 199 56.96 -3.71 -4.93
C GLY A 199 57.15 -3.56 -3.43
N THR A 200 56.81 -2.38 -2.91
CA THR A 200 57.01 -2.06 -1.50
C THR A 200 55.80 -2.41 -0.65
N GLN A 201 54.60 -2.06 -1.10
CA GLN A 201 53.42 -2.11 -0.25
C GLN A 201 52.70 -3.45 -0.40
N THR A 202 52.06 -3.85 0.68
CA THR A 202 51.24 -5.05 0.72
C THR A 202 49.77 -4.66 0.56
N TYR A 203 49.06 -5.42 -0.26
CA TYR A 203 47.64 -5.20 -0.51
C TYR A 203 46.90 -6.51 -0.25
N ILE A 204 45.97 -6.48 0.70
CA ILE A 204 45.23 -7.65 1.13
C ILE A 204 43.75 -7.29 1.17
N CYS A 205 42.91 -8.06 0.48
CA CYS A 205 41.48 -7.84 0.56
C CYS A 205 40.90 -8.77 1.61
N ASN A 206 40.09 -8.22 2.51
CA ASN A 206 39.45 -8.98 3.57
C ASN A 206 38.00 -9.20 3.15
N VAL A 207 37.62 -10.46 2.93
CA VAL A 207 36.28 -10.83 2.50
C VAL A 207 35.60 -11.57 3.64
N ASN A 208 34.35 -11.19 3.93
CA ASN A 208 33.57 -11.82 4.99
C ASN A 208 32.16 -12.10 4.49
N HIS A 209 31.76 -13.36 4.54
CA HIS A 209 30.41 -13.80 4.17
C HIS A 209 29.80 -14.46 5.40
N LYS A 210 29.10 -13.66 6.21
CA LYS A 210 28.56 -14.17 7.46
C LYS A 210 27.58 -15.33 7.28
N PRO A 211 26.69 -15.33 6.28
CA PRO A 211 25.73 -16.44 6.16
C PRO A 211 26.39 -17.82 6.10
N SER A 212 27.62 -17.92 5.60
CA SER A 212 28.33 -19.19 5.54
C SER A 212 29.52 -19.24 6.48
N ASN A 213 29.74 -18.21 7.29
CA ASN A 213 30.88 -18.15 8.22
C ASN A 213 32.20 -18.29 7.46
N THR A 214 32.29 -17.64 6.31
CA THR A 214 33.47 -17.65 5.47
C THR A 214 34.18 -16.32 5.60
N LYS A 215 35.45 -16.36 6.02
CA LYS A 215 36.31 -15.18 6.09
C LYS A 215 37.61 -15.49 5.38
N VAL A 216 38.01 -14.62 4.46
CA VAL A 216 39.21 -14.82 3.64
C VAL A 216 40.01 -13.53 3.62
N ASP A 217 41.32 -13.65 3.82
CA ASP A 217 42.28 -12.58 3.54
C ASP A 217 43.14 -13.03 2.37
N LYS A 218 43.14 -12.27 1.28
CA LYS A 218 43.86 -12.61 0.06
C LYS A 218 44.85 -11.49 -0.24
N LYS A 219 46.14 -11.83 -0.22
CA LYS A 219 47.17 -10.89 -0.66
C LYS A 219 47.21 -10.88 -2.18
N VAL A 220 47.27 -9.70 -2.77
CA VAL A 220 47.27 -9.52 -4.21
C VAL A 220 48.55 -8.80 -4.60
N GLU A 221 49.36 -9.43 -5.44
CA GLU A 221 50.60 -8.83 -5.90
C GLU A 221 50.81 -9.14 -7.38
N PRO A 222 51.77 -8.50 -8.03
CA PRO A 222 52.09 -8.88 -9.41
C PRO A 222 52.55 -10.32 -9.50
N LYS A 223 52.00 -11.06 -10.46
CA LYS A 223 52.42 -12.43 -10.66
C LYS A 223 53.80 -12.48 -11.30
N SER A 224 54.57 -13.50 -10.94
CA SER A 224 55.95 -13.63 -11.40
C SER A 224 56.00 -14.12 -12.84
N CYS A 225 57.07 -13.75 -13.54
CA CYS A 225 57.29 -14.19 -14.91
C CYS A 225 58.62 -13.67 -15.44
N TYR B 1 -6.91 1.48 -14.56
CA TYR B 1 -5.45 1.64 -14.38
C TYR B 1 -5.02 3.07 -14.73
N ILE B 2 -4.14 3.66 -13.92
CA ILE B 2 -3.61 4.99 -14.15
C ILE B 2 -2.12 4.85 -14.44
N HIS B 3 -1.71 5.24 -15.64
CA HIS B 3 -0.30 5.25 -16.00
C HIS B 3 0.32 6.55 -15.52
N VAL B 4 1.40 6.44 -14.75
CA VAL B 4 2.11 7.58 -14.18
C VAL B 4 3.49 7.62 -14.82
N THR B 5 3.80 8.72 -15.49
CA THR B 5 5.08 8.92 -16.15
C THR B 5 5.79 10.11 -15.53
N GLN B 6 7.10 9.95 -15.31
CA GLN B 6 7.93 11.00 -14.74
C GLN B 6 9.08 11.32 -15.67
N SER B 7 9.39 12.62 -15.79
CA SER B 7 10.51 13.06 -16.60
C SER B 7 11.16 14.31 -16.00
N PRO B 8 12.49 14.44 -16.17
CA PRO B 8 13.38 13.43 -16.75
C PRO B 8 13.57 12.26 -15.78
N SER B 9 13.79 11.06 -16.31
CA SER B 9 14.09 9.92 -15.45
C SER B 9 15.41 10.09 -14.72
N SER B 10 16.38 10.72 -15.38
CA SER B 10 17.69 11.00 -14.80
C SER B 10 18.04 12.45 -15.09
N LEU B 11 18.65 13.13 -14.12
CA LEU B 11 18.94 14.56 -14.24
C LEU B 11 20.18 14.91 -13.44
N SER B 12 21.16 15.52 -14.10
CA SER B 12 22.35 16.03 -13.42
C SER B 12 22.08 17.45 -12.93
N VAL B 13 22.51 17.73 -11.70
CA VAL B 13 22.25 19.01 -11.04
C VAL B 13 23.48 19.44 -10.26
N SER B 14 23.55 20.73 -9.95
CA SER B 14 24.62 21.29 -9.14
C SER B 14 24.08 21.79 -7.82
N ILE B 15 24.90 21.68 -6.78
CA ILE B 15 24.54 22.26 -5.48
C ILE B 15 24.17 23.72 -5.69
N GLY B 16 23.07 24.13 -5.08
CA GLY B 16 22.60 25.49 -5.16
C GLY B 16 21.64 25.78 -6.30
N ASP B 17 21.44 24.84 -7.22
CA ASP B 17 20.56 25.07 -8.35
C ASP B 17 19.09 24.94 -7.96
N ARG B 18 18.23 25.56 -8.77
CA ARG B 18 16.81 25.28 -8.76
C ARG B 18 16.53 24.09 -9.67
N VAL B 19 15.75 23.13 -9.18
CA VAL B 19 15.45 21.90 -9.91
C VAL B 19 13.95 21.70 -9.89
N THR B 20 13.37 21.36 -11.06
CA THR B 20 11.96 21.03 -11.15
C THR B 20 11.79 19.79 -12.01
N ILE B 21 10.97 18.84 -11.54
CA ILE B 21 10.70 17.61 -12.28
C ILE B 21 9.19 17.51 -12.50
N ASN B 22 8.81 16.71 -13.48
CA ASN B 22 7.44 16.64 -13.95
C ASN B 22 6.87 15.25 -13.74
N CYS B 23 5.55 15.20 -13.49
CA CYS B 23 4.79 13.97 -13.36
C CYS B 23 3.56 14.08 -14.23
N GLN B 24 3.27 13.02 -14.98
CA GLN B 24 2.13 12.98 -15.89
C GLN B 24 1.25 11.78 -15.58
N THR B 25 -0.05 11.97 -15.69
CA THR B 25 -1.03 10.90 -15.45
C THR B 25 -1.87 10.70 -16.70
N SER B 26 -2.24 9.45 -16.97
CA SER B 26 -3.01 9.13 -18.17
C SER B 26 -4.47 9.55 -18.06
N GLN B 27 -4.93 9.96 -16.89
CA GLN B 27 -6.28 10.47 -16.73
C GLN B 27 -6.27 11.57 -15.67
N GLY B 28 -7.30 12.42 -15.71
CA GLY B 28 -7.39 13.48 -14.74
C GLY B 28 -7.51 12.95 -13.32
N VAL B 29 -6.76 13.57 -12.40
CA VAL B 29 -6.75 13.17 -11.00
C VAL B 29 -6.95 14.39 -10.12
N GLY B 30 -7.38 15.50 -10.71
CA GLY B 30 -7.56 16.72 -9.93
C GLY B 30 -6.27 17.13 -9.26
N SER B 31 -6.27 17.12 -7.92
CA SER B 31 -5.11 17.50 -7.13
C SER B 31 -4.64 16.38 -6.21
N ASP B 32 -5.08 15.14 -6.43
CA ASP B 32 -4.76 14.03 -5.53
C ASP B 32 -3.45 13.35 -5.95
N LEU B 33 -2.38 14.14 -5.92
CA LEU B 33 -1.05 13.72 -6.37
C LEU B 33 -0.05 14.00 -5.26
N HIS B 34 0.73 12.99 -4.88
CA HIS B 34 1.67 13.08 -3.78
C HIS B 34 3.10 12.84 -4.27
N TRP B 35 4.07 13.35 -3.50
CA TRP B 35 5.49 13.29 -3.87
C TRP B 35 6.30 12.70 -2.72
N TYR B 36 7.25 11.84 -3.05
CA TYR B 36 8.11 11.18 -2.07
C TYR B 36 9.57 11.31 -2.45
N GLN B 37 10.43 11.26 -1.43
CA GLN B 37 11.87 11.11 -1.59
C GLN B 37 12.28 9.70 -1.22
N HIS B 38 13.21 9.11 -1.96
CA HIS B 38 13.67 7.76 -1.67
C HIS B 38 15.15 7.62 -1.97
N LYS B 39 15.89 7.14 -0.99
CA LYS B 39 17.32 6.91 -1.12
C LYS B 39 17.62 5.43 -0.92
N PRO B 40 18.75 4.95 -1.42
CA PRO B 40 19.06 3.52 -1.33
C PRO B 40 19.12 3.04 0.12
N GLY B 41 18.52 1.87 0.35
CA GLY B 41 18.54 1.24 1.66
C GLY B 41 17.63 1.88 2.69
N ARG B 42 16.84 2.89 2.33
CA ARG B 42 16.00 3.62 3.26
C ARG B 42 14.55 3.55 2.79
N ALA B 43 13.64 3.81 3.73
CA ALA B 43 12.23 3.87 3.39
C ALA B 43 11.88 5.21 2.73
N PRO B 44 10.92 5.22 1.81
CA PRO B 44 10.52 6.49 1.21
C PRO B 44 10.04 7.47 2.26
N LYS B 45 10.12 8.75 1.92
CA LYS B 45 9.70 9.83 2.80
C LYS B 45 8.71 10.70 2.06
N LEU B 46 7.57 10.98 2.69
CA LEU B 46 6.55 11.83 2.09
C LEU B 46 7.00 13.28 2.15
N LEU B 47 7.06 13.95 1.00
CA LEU B 47 7.42 15.35 0.91
C LEU B 47 6.19 16.25 0.80
N ILE B 48 5.32 15.95 -0.16
CA ILE B 48 4.15 16.79 -0.46
C ILE B 48 2.96 15.88 -0.71
N HIS B 49 1.80 16.27 -0.16
CA HIS B 49 0.56 15.58 -0.47
C HIS B 49 -0.42 16.56 -1.12
N HIS B 50 -1.28 16.02 -1.97
CA HIS B 50 -2.32 16.78 -2.66
C HIS B 50 -1.72 17.97 -3.41
N THR B 51 -0.72 17.67 -4.24
CA THR B 51 -0.12 18.59 -5.20
C THR B 51 0.85 19.57 -4.54
N SER B 52 0.41 20.26 -3.49
CA SER B 52 1.17 21.39 -2.98
C SER B 52 1.31 21.47 -1.45
N SER B 53 0.60 20.64 -0.69
CA SER B 53 0.66 20.72 0.77
C SER B 53 1.94 20.05 1.25
N VAL B 54 2.93 20.86 1.62
CA VAL B 54 4.21 20.33 2.08
C VAL B 54 4.04 19.67 3.44
N GLU B 55 4.67 18.51 3.61
CA GLU B 55 4.55 17.76 4.86
C GLU B 55 5.31 18.47 5.97
N ASP B 56 4.84 18.26 7.20
CA ASP B 56 5.48 18.85 8.36
C ASP B 56 6.94 18.41 8.46
N GLY B 57 7.83 19.38 8.74
CA GLY B 57 9.23 19.10 8.89
C GLY B 57 10.04 19.10 7.61
N VAL B 58 9.39 19.16 6.44
CA VAL B 58 10.09 19.19 5.16
C VAL B 58 10.61 20.59 4.91
N PRO B 59 11.86 20.75 4.43
CA PRO B 59 12.40 22.10 4.22
C PRO B 59 11.52 22.93 3.31
N SER B 60 11.60 24.25 3.47
CA SER B 60 10.79 25.18 2.69
C SER B 60 11.21 25.21 1.22
N ARG B 61 12.42 24.77 0.90
CA ARG B 61 12.87 24.80 -0.49
C ARG B 61 12.14 23.79 -1.37
N PHE B 62 11.35 22.88 -0.79
CA PHE B 62 10.50 21.99 -1.56
C PHE B 62 9.13 22.63 -1.79
N SER B 63 8.62 22.50 -3.01
CA SER B 63 7.29 23.00 -3.31
C SER B 63 6.70 22.18 -4.45
N GLY B 64 5.38 22.15 -4.51
CA GLY B 64 4.68 21.38 -5.52
C GLY B 64 3.64 22.23 -6.22
N SER B 65 3.32 21.80 -7.44
CA SER B 65 2.37 22.54 -8.28
C SER B 65 1.81 21.60 -9.33
N GLY B 66 0.74 22.04 -9.98
CA GLY B 66 0.13 21.29 -11.05
C GLY B 66 -1.34 21.02 -10.79
N PHE B 67 -1.94 20.30 -11.73
CA PHE B 67 -3.38 20.01 -11.68
C PHE B 67 -3.74 19.10 -12.83
N HIS B 68 -4.81 18.33 -12.65
CA HIS B 68 -5.40 17.51 -13.70
C HIS B 68 -4.48 16.35 -14.09
N THR B 69 -3.55 16.59 -15.03
CA THR B 69 -2.69 15.52 -15.52
C THR B 69 -1.21 15.88 -15.57
N SER B 70 -0.83 17.09 -15.13
CA SER B 70 0.57 17.47 -15.13
C SER B 70 0.91 18.17 -13.82
N PHE B 71 1.96 17.66 -13.16
CA PHE B 71 2.36 18.12 -11.84
C PHE B 71 3.87 18.22 -11.79
N ASN B 72 4.37 19.19 -11.00
CA ASN B 72 5.79 19.43 -10.89
C ASN B 72 6.20 19.53 -9.43
N LEU B 73 7.36 18.95 -9.12
CA LEU B 73 8.05 19.15 -7.85
C LEU B 73 9.23 20.07 -8.10
N THR B 74 9.36 21.11 -7.28
CA THR B 74 10.44 22.08 -7.44
C THR B 74 11.28 22.12 -6.17
N ILE B 75 12.60 22.11 -6.34
CA ILE B 75 13.55 22.27 -5.25
C ILE B 75 14.37 23.52 -5.53
N SER B 76 14.24 24.52 -4.66
CA SER B 76 15.12 25.68 -4.69
C SER B 76 16.40 25.37 -3.91
N ASP B 77 17.47 26.09 -4.26
CA ASP B 77 18.75 26.00 -3.58
C ASP B 77 19.06 24.55 -3.17
N LEU B 78 19.21 23.71 -4.19
CA LEU B 78 19.39 22.28 -3.95
C LEU B 78 20.61 22.01 -3.07
N GLN B 79 20.42 21.12 -2.10
CA GLN B 79 21.48 20.74 -1.17
C GLN B 79 21.88 19.28 -1.37
N ALA B 80 23.05 18.93 -0.85
CA ALA B 80 23.57 17.58 -1.02
C ALA B 80 22.58 16.54 -0.52
N ASP B 81 21.88 16.82 0.57
CA ASP B 81 20.90 15.89 1.12
C ASP B 81 19.72 15.67 0.16
N ASP B 82 19.57 16.52 -0.86
CA ASP B 82 18.45 16.38 -1.80
C ASP B 82 18.76 15.42 -2.95
N ILE B 83 20.01 14.97 -3.09
CA ILE B 83 20.36 13.98 -4.11
C ILE B 83 19.65 12.67 -3.75
N ALA B 84 18.67 12.29 -4.56
CA ALA B 84 17.85 11.11 -4.26
C ALA B 84 16.96 10.85 -5.47
N THR B 85 16.12 9.82 -5.34
CA THR B 85 15.03 9.59 -6.27
C THR B 85 13.75 10.20 -5.73
N TYR B 86 12.91 10.72 -6.64
CA TYR B 86 11.65 11.34 -6.29
C TYR B 86 10.52 10.65 -7.06
N TYR B 87 9.54 10.12 -6.31
CA TYR B 87 8.37 9.47 -6.88
C TYR B 87 7.17 10.39 -6.78
N CYS B 88 6.33 10.40 -7.82
CA CYS B 88 4.97 10.89 -7.67
C CYS B 88 4.02 9.69 -7.57
N GLN B 89 2.83 9.94 -7.05
CA GLN B 89 1.91 8.85 -6.76
C GLN B 89 0.48 9.36 -6.76
N VAL B 90 -0.42 8.58 -7.37
CA VAL B 90 -1.87 8.76 -7.20
C VAL B 90 -2.47 7.40 -6.89
N LEU B 91 -3.19 7.31 -5.78
CA LEU B 91 -3.83 6.07 -5.36
C LEU B 91 -2.73 5.01 -5.26
N GLN B 92 -2.93 3.79 -5.78
CA GLN B 92 -1.93 2.75 -5.69
C GLN B 92 -0.85 2.84 -6.77
N PHE B 93 -0.87 3.89 -7.59
CA PHE B 93 0.00 3.98 -8.77
C PHE B 93 1.17 4.91 -8.46
N PHE B 94 2.34 4.32 -8.24
CA PHE B 94 3.57 5.07 -8.08
C PHE B 94 4.26 5.23 -9.43
N GLY B 95 4.83 6.41 -9.68
CA GLY B 95 5.72 6.56 -10.79
C GLY B 95 7.07 5.91 -10.54
N ARG B 96 7.78 5.61 -11.63
CA ARG B 96 9.10 4.99 -11.52
C ARG B 96 10.15 5.94 -10.95
N GLY B 97 9.91 7.23 -11.02
CA GLY B 97 10.75 8.18 -10.32
C GLY B 97 11.71 8.93 -11.23
N SER B 98 12.14 10.10 -10.75
CA SER B 98 13.23 10.86 -11.32
C SER B 98 14.37 10.86 -10.32
N ARG B 99 15.57 10.48 -10.78
CA ARG B 99 16.73 10.38 -9.91
C ARG B 99 17.71 11.49 -10.23
N LEU B 100 18.15 12.20 -9.20
CA LEU B 100 19.10 13.29 -9.33
C LEU B 100 20.51 12.80 -9.02
N HIS B 101 21.49 13.33 -9.75
CA HIS B 101 22.90 13.10 -9.44
C HIS B 101 23.65 14.41 -9.70
N ILE B 102 24.90 14.47 -9.25
CA ILE B 102 25.69 15.69 -9.29
C ILE B 102 26.37 15.80 -10.66
N LYS B 103 26.25 16.97 -11.26
CA LYS B 103 26.88 17.25 -12.55
C LYS B 103 28.34 17.63 -12.35
N ARG B 104 29.19 17.16 -13.26
CA ARG B 104 30.59 17.54 -13.28
C ARG B 104 31.08 17.48 -14.71
N THR B 105 32.32 17.91 -14.92
CA THR B 105 32.90 17.89 -16.25
C THR B 105 33.12 16.45 -16.74
N VAL B 106 33.17 16.31 -18.06
CA VAL B 106 33.42 15.01 -18.67
C VAL B 106 34.77 14.48 -18.20
N ALA B 107 34.79 13.20 -17.85
CA ALA B 107 36.01 12.55 -17.37
C ALA B 107 36.11 11.17 -18.03
N ALA B 108 37.17 10.96 -18.80
CA ALA B 108 37.35 9.68 -19.46
C ALA B 108 37.78 8.62 -18.44
N PRO B 109 37.35 7.37 -18.63
CA PRO B 109 37.77 6.32 -17.71
C PRO B 109 39.23 5.93 -17.90
N SER B 110 39.84 5.52 -16.80
CA SER B 110 41.02 4.67 -16.85
C SER B 110 40.56 3.22 -17.03
N VAL B 111 41.20 2.48 -17.94
CA VAL B 111 40.74 1.14 -18.29
C VAL B 111 41.84 0.13 -17.95
N PHE B 112 41.42 -1.01 -17.38
CA PHE B 112 42.32 -2.09 -17.02
C PHE B 112 41.67 -3.43 -17.34
N ILE B 113 42.49 -4.39 -17.77
CA ILE B 113 42.00 -5.73 -18.09
C ILE B 113 42.76 -6.74 -17.24
N PHE B 114 42.02 -7.66 -16.63
CA PHE B 114 42.60 -8.64 -15.73
C PHE B 114 42.41 -10.03 -16.32
N PRO B 115 43.46 -10.78 -16.58
CA PRO B 115 43.29 -12.16 -17.00
C PRO B 115 42.79 -13.00 -15.84
N PRO B 116 42.23 -14.18 -16.10
CA PRO B 116 41.85 -15.06 -14.98
C PRO B 116 43.08 -15.54 -14.25
N SER B 117 42.91 -15.82 -12.97
CA SER B 117 44.00 -16.36 -12.16
C SER B 117 44.19 -17.84 -12.43
N ASP B 118 45.43 -18.31 -12.24
CA ASP B 118 45.69 -19.74 -12.35
C ASP B 118 44.87 -20.53 -11.34
N GLU B 119 44.60 -19.95 -10.16
CA GLU B 119 43.81 -20.65 -9.16
C GLU B 119 42.39 -20.91 -9.67
N GLN B 120 41.79 -19.92 -10.31
CA GLN B 120 40.44 -20.11 -10.83
C GLN B 120 40.43 -21.16 -11.93
N LEU B 121 41.42 -21.11 -12.84
CA LEU B 121 41.43 -22.03 -13.97
C LEU B 121 41.41 -23.48 -13.51
N LYS B 122 42.04 -23.79 -12.37
CA LYS B 122 42.02 -25.16 -11.87
C LYS B 122 40.60 -25.67 -11.66
N SER B 123 39.68 -24.78 -11.28
CA SER B 123 38.29 -25.18 -11.06
C SER B 123 37.51 -25.40 -12.35
N GLY B 124 38.06 -25.01 -13.49
CA GLY B 124 37.39 -25.21 -14.76
C GLY B 124 36.71 -23.98 -15.34
N THR B 125 36.87 -22.81 -14.70
CA THR B 125 36.22 -21.59 -15.15
C THR B 125 37.27 -20.50 -15.31
N ALA B 126 36.96 -19.52 -16.15
CA ALA B 126 37.84 -18.40 -16.43
C ALA B 126 37.03 -17.13 -16.43
N SER B 127 37.35 -16.22 -15.51
CA SER B 127 36.75 -14.90 -15.46
C SER B 127 37.76 -13.88 -15.95
N VAL B 128 37.34 -13.08 -16.93
CA VAL B 128 38.14 -11.97 -17.43
C VAL B 128 37.41 -10.68 -17.07
N VAL B 129 38.12 -9.77 -16.40
CA VAL B 129 37.51 -8.57 -15.86
C VAL B 129 38.10 -7.34 -16.56
N CYS B 130 37.22 -6.44 -16.97
CA CYS B 130 37.59 -5.15 -17.51
C CYS B 130 37.06 -4.07 -16.57
N LEU B 131 37.96 -3.20 -16.11
CA LEU B 131 37.64 -2.17 -15.14
C LEU B 131 37.71 -0.78 -15.79
N LEU B 132 36.65 0.00 -15.63
CA LEU B 132 36.60 1.39 -16.03
C LEU B 132 36.49 2.24 -14.76
N ASN B 133 37.49 3.09 -14.52
CA ASN B 133 37.62 3.77 -13.24
C ASN B 133 37.40 5.28 -13.39
N ASN B 134 36.54 5.83 -12.54
CA ASN B 134 36.44 7.27 -12.30
C ASN B 134 36.13 8.04 -13.60
N PHE B 135 34.96 7.76 -14.16
CA PHE B 135 34.54 8.43 -15.38
C PHE B 135 33.20 9.13 -15.17
N TYR B 136 32.89 10.01 -16.12
CA TYR B 136 31.64 10.75 -16.12
C TYR B 136 31.41 11.31 -17.53
N PRO B 137 30.18 11.21 -18.07
CA PRO B 137 28.94 10.67 -17.48
C PRO B 137 28.91 9.14 -17.42
N ARG B 138 27.80 8.62 -16.87
CA ARG B 138 27.70 7.19 -16.57
C ARG B 138 27.68 6.34 -17.82
N GLU B 139 27.15 6.84 -18.92
CA GLU B 139 27.00 6.06 -20.14
C GLU B 139 28.35 5.58 -20.65
N ALA B 140 28.45 4.28 -20.93
CA ALA B 140 29.69 3.72 -21.45
C ALA B 140 29.35 2.44 -22.23
N LYS B 141 30.19 2.13 -23.22
CA LYS B 141 30.05 0.90 -24.00
C LYS B 141 31.31 0.08 -23.84
N VAL B 142 31.15 -1.15 -23.34
CA VAL B 142 32.23 -2.10 -23.20
C VAL B 142 31.96 -3.26 -24.15
N GLN B 143 32.91 -3.55 -25.03
CA GLN B 143 32.80 -4.67 -25.96
C GLN B 143 33.98 -5.61 -25.74
N TRP B 144 33.67 -6.89 -25.53
CA TRP B 144 34.69 -7.92 -25.41
C TRP B 144 34.98 -8.54 -26.76
N LYS B 145 36.26 -8.79 -27.01
CA LYS B 145 36.67 -9.52 -28.21
C LYS B 145 37.66 -10.60 -27.83
N VAL B 146 37.46 -11.79 -28.41
CA VAL B 146 38.35 -12.94 -28.23
C VAL B 146 38.80 -13.34 -29.63
N ASP B 147 40.10 -13.21 -29.90
CA ASP B 147 40.64 -13.41 -31.25
C ASP B 147 39.75 -12.70 -32.29
N ASN B 148 39.41 -11.45 -31.98
CA ASN B 148 38.65 -10.56 -32.87
C ASN B 148 37.20 -10.96 -33.00
N ALA B 149 36.72 -11.94 -32.25
CA ALA B 149 35.30 -12.30 -32.26
C ALA B 149 34.58 -11.51 -31.17
N LEU B 150 33.55 -10.75 -31.57
CA LEU B 150 32.77 -9.98 -30.61
C LEU B 150 31.93 -10.91 -29.75
N GLN B 151 32.08 -10.76 -28.43
CA GLN B 151 31.34 -11.57 -27.46
C GLN B 151 30.03 -10.87 -27.11
N SER B 152 28.96 -11.66 -26.96
CA SER B 152 27.70 -11.10 -26.48
C SER B 152 26.95 -12.19 -25.71
N GLY B 153 26.38 -11.80 -24.58
CA GLY B 153 25.59 -12.70 -23.77
C GLY B 153 26.35 -13.44 -22.70
N ASN B 154 27.68 -13.35 -22.68
CA ASN B 154 28.49 -14.08 -21.71
C ASN B 154 29.27 -13.15 -20.79
N SER B 155 28.78 -11.92 -20.61
CA SER B 155 29.40 -10.96 -19.70
C SER B 155 28.32 -10.29 -18.86
N GLN B 156 28.73 -9.78 -17.69
CA GLN B 156 27.85 -9.00 -16.83
C GLN B 156 28.57 -7.78 -16.32
N GLU B 157 27.84 -6.67 -16.23
CA GLU B 157 28.39 -5.39 -15.81
C GLU B 157 27.85 -5.00 -14.44
N SER B 158 28.65 -4.24 -13.72
CA SER B 158 28.25 -3.66 -12.45
C SER B 158 28.82 -2.25 -12.37
N VAL B 159 28.04 -1.33 -11.82
CA VAL B 159 28.41 0.08 -11.73
C VAL B 159 28.24 0.55 -10.30
N THR B 160 29.20 1.33 -9.81
CA THR B 160 29.12 1.86 -8.46
C THR B 160 28.16 3.05 -8.40
N GLU B 161 27.78 3.41 -7.17
CA GLU B 161 27.11 4.68 -6.96
C GLU B 161 28.07 5.82 -7.24
N GLN B 162 27.51 6.97 -7.58
CA GLN B 162 28.33 8.16 -7.82
C GLN B 162 29.14 8.49 -6.58
N ASP B 163 30.44 8.70 -6.78
CA ASP B 163 31.32 9.03 -5.67
C ASP B 163 30.94 10.39 -5.09
N SER B 164 30.77 10.45 -3.76
CA SER B 164 30.29 11.66 -3.13
C SER B 164 31.32 12.79 -3.18
N LYS B 165 32.58 12.49 -3.47
CA LYS B 165 33.65 13.48 -3.44
C LYS B 165 34.05 13.97 -4.83
N ASP B 166 34.24 13.08 -5.80
CA ASP B 166 34.63 13.49 -7.15
C ASP B 166 33.51 13.32 -8.17
N SER B 167 32.36 12.79 -7.77
CA SER B 167 31.17 12.73 -8.62
C SER B 167 31.38 11.85 -9.86
N THR B 168 32.30 10.91 -9.82
CA THR B 168 32.52 9.99 -10.93
C THR B 168 31.86 8.65 -10.63
N TYR B 169 31.81 7.82 -11.67
CA TYR B 169 31.39 6.44 -11.56
C TYR B 169 32.55 5.52 -11.91
N SER B 170 32.42 4.25 -11.52
CA SER B 170 33.32 3.20 -11.97
C SER B 170 32.48 2.00 -12.38
N LEU B 171 33.05 1.17 -13.25
CA LEU B 171 32.31 0.08 -13.88
C LEU B 171 33.22 -1.13 -14.07
N SER B 172 32.69 -2.30 -13.75
CA SER B 172 33.35 -3.56 -14.06
C SER B 172 32.53 -4.34 -15.07
N SER B 173 33.20 -4.95 -16.02
CA SER B 173 32.59 -5.90 -16.94
C SER B 173 33.35 -7.21 -16.84
N THR B 174 32.63 -8.31 -16.58
CA THR B 174 33.22 -9.61 -16.32
C THR B 174 32.78 -10.58 -17.40
N LEU B 175 33.74 -11.10 -18.16
CA LEU B 175 33.51 -12.13 -19.16
C LEU B 175 33.78 -13.49 -18.55
N THR B 176 32.84 -14.41 -18.72
CA THR B 176 32.95 -15.75 -18.15
C THR B 176 33.04 -16.77 -19.27
N LEU B 177 34.07 -17.61 -19.22
CA LEU B 177 34.27 -18.68 -20.18
C LEU B 177 34.66 -19.95 -19.43
N SER B 178 34.47 -21.08 -20.10
CA SER B 178 35.01 -22.32 -19.58
C SER B 178 36.53 -22.33 -19.72
N LYS B 179 37.19 -23.10 -18.87
CA LYS B 179 38.63 -23.30 -19.00
C LYS B 179 38.98 -23.75 -20.41
N ALA B 180 38.26 -24.76 -20.92
CA ALA B 180 38.53 -25.29 -22.25
C ALA B 180 38.47 -24.19 -23.31
N ASP B 181 37.42 -23.37 -23.28
CA ASP B 181 37.30 -22.30 -24.27
C ASP B 181 38.39 -21.26 -24.12
N TYR B 182 38.70 -20.86 -22.89
CA TYR B 182 39.75 -19.88 -22.66
C TYR B 182 41.08 -20.33 -23.25
N GLU B 183 41.40 -21.61 -23.10
CA GLU B 183 42.70 -22.10 -23.57
C GLU B 183 42.76 -22.31 -25.08
N LYS B 184 41.65 -22.15 -25.80
CA LYS B 184 41.66 -22.30 -27.25
C LYS B 184 41.91 -20.99 -27.98
N HIS B 185 42.09 -19.88 -27.26
CA HIS B 185 42.23 -18.56 -27.90
C HIS B 185 43.40 -17.81 -27.29
N LYS B 186 43.89 -16.83 -28.05
CA LYS B 186 45.09 -16.09 -27.67
C LYS B 186 44.77 -14.68 -27.19
N VAL B 187 44.11 -13.86 -28.00
CA VAL B 187 44.02 -12.41 -27.77
C VAL B 187 42.70 -12.11 -27.09
N TYR B 188 42.76 -11.56 -25.88
CA TYR B 188 41.59 -11.14 -25.13
C TYR B 188 41.63 -9.62 -24.97
N ALA B 189 40.55 -8.95 -25.37
CA ALA B 189 40.54 -7.50 -25.47
C ALA B 189 39.22 -6.93 -25.00
N CYS B 190 39.32 -5.80 -24.29
CA CYS B 190 38.18 -5.01 -23.84
C CYS B 190 38.27 -3.65 -24.53
N GLU B 191 37.23 -3.30 -25.30
CA GLU B 191 37.17 -2.03 -26.02
C GLU B 191 36.13 -1.13 -25.38
N VAL B 192 36.55 0.08 -25.00
CA VAL B 192 35.71 1.01 -24.25
C VAL B 192 35.42 2.23 -25.12
N THR B 193 34.15 2.60 -25.19
CA THR B 193 33.71 3.82 -25.86
C THR B 193 33.07 4.73 -24.81
N HIS B 194 33.48 5.99 -24.80
CA HIS B 194 32.99 6.93 -23.81
C HIS B 194 33.13 8.35 -24.35
N GLN B 195 32.24 9.22 -23.89
CA GLN B 195 32.22 10.60 -24.37
C GLN B 195 33.56 11.29 -24.17
N GLY B 196 34.31 10.92 -23.14
CA GLY B 196 35.58 11.56 -22.85
C GLY B 196 36.78 11.03 -23.63
N LEU B 197 36.57 10.06 -24.52
CA LEU B 197 37.64 9.47 -25.31
C LEU B 197 37.45 9.88 -26.77
N SER B 198 38.49 10.49 -27.36
CA SER B 198 38.44 10.87 -28.76
C SER B 198 38.07 9.69 -29.64
N SER B 199 38.60 8.52 -29.32
CA SER B 199 38.29 7.29 -30.04
C SER B 199 38.35 6.13 -29.06
N PRO B 200 37.74 4.99 -29.39
CA PRO B 200 37.69 3.89 -28.44
C PRO B 200 39.07 3.46 -27.97
N VAL B 201 39.16 3.12 -26.68
CA VAL B 201 40.38 2.60 -26.07
C VAL B 201 40.25 1.09 -25.95
N THR B 202 41.30 0.36 -26.34
CA THR B 202 41.33 -1.09 -26.21
C THR B 202 42.47 -1.50 -25.28
N LYS B 203 42.14 -2.30 -24.28
CA LYS B 203 43.14 -2.98 -23.47
C LYS B 203 43.06 -4.48 -23.75
N SER B 204 44.21 -5.14 -23.82
CA SER B 204 44.22 -6.54 -24.20
C SER B 204 45.42 -7.24 -23.58
N PHE B 205 45.36 -8.56 -23.60
CA PHE B 205 46.50 -9.40 -23.25
C PHE B 205 46.47 -10.65 -24.11
N ASN B 206 47.63 -11.30 -24.21
CA ASN B 206 47.76 -12.58 -24.88
C ASN B 206 47.87 -13.67 -23.82
N ARG B 207 46.95 -14.63 -23.87
CA ARG B 207 46.99 -15.74 -22.93
C ARG B 207 48.38 -16.37 -22.90
N GLY B 208 48.88 -16.62 -21.70
CA GLY B 208 50.16 -17.27 -21.53
C GLY B 208 51.36 -16.33 -21.59
N GLU B 209 51.23 -15.23 -22.32
CA GLU B 209 52.32 -14.27 -22.44
C GLU B 209 52.30 -13.31 -21.27
N CYS B 210 53.46 -12.72 -21.00
CA CYS B 210 53.63 -11.80 -19.88
C CYS B 210 54.17 -10.46 -20.34
N TRP C 2 -27.98 32.36 2.57
CA TRP C 2 -27.47 31.28 3.41
C TRP C 2 -26.10 30.80 2.90
N LYS C 3 -25.56 29.79 3.57
CA LYS C 3 -24.24 29.26 3.24
C LYS C 3 -23.91 28.07 4.12
N GLU C 4 -23.10 27.14 3.63
CA GLU C 4 -22.71 25.99 4.43
C GLU C 4 -22.07 26.43 5.73
N ALA C 5 -22.39 25.72 6.81
CA ALA C 5 -21.85 26.06 8.12
C ALA C 5 -22.08 24.91 9.08
N LYS C 6 -21.19 24.79 10.05
CA LYS C 6 -21.31 23.80 11.11
C LYS C 6 -21.90 24.44 12.36
N THR C 7 -22.65 23.64 13.11
CA THR C 7 -23.27 24.11 14.34
C THR C 7 -23.73 22.90 15.15
N THR C 8 -24.07 23.16 16.41
CA THR C 8 -24.55 22.11 17.29
C THR C 8 -26.01 21.80 16.97
N LEU C 9 -26.27 20.59 16.50
CA LEU C 9 -27.63 20.15 16.19
C LEU C 9 -28.27 19.52 17.41
N PHE C 10 -29.61 19.51 17.42
CA PHE C 10 -30.38 18.86 18.47
C PHE C 10 -31.35 17.89 17.82
N CYS C 11 -31.70 16.84 18.58
CA CYS C 11 -32.56 15.78 18.07
C CYS C 11 -33.98 15.94 18.59
N ALA C 12 -34.91 15.37 17.84
CA ALA C 12 -36.32 15.34 18.22
C ALA C 12 -36.89 13.97 17.85
N SER C 13 -37.87 13.53 18.63
CA SER C 13 -38.46 12.22 18.41
C SER C 13 -39.80 12.15 19.13
N ASP C 14 -40.41 10.98 19.12
CA ASP C 14 -41.68 10.72 19.81
C ASP C 14 -41.49 9.66 20.88
N ALA C 15 -40.33 9.68 21.53
CA ALA C 15 -40.05 8.73 22.60
C ALA C 15 -41.05 8.89 23.73
N LYS C 16 -41.45 7.76 24.31
CA LYS C 16 -42.39 7.74 25.42
C LYS C 16 -41.62 7.49 26.71
N ALA C 17 -41.81 8.39 27.69
CA ALA C 17 -41.04 8.30 28.93
C ALA C 17 -41.39 7.07 29.76
N HIS C 18 -42.53 6.42 29.49
CA HIS C 18 -42.95 5.28 30.29
C HIS C 18 -42.40 3.95 29.77
N LYS C 19 -41.95 3.90 28.52
CA LYS C 19 -41.41 2.67 27.95
C LYS C 19 -40.04 2.35 28.54
N GLU C 20 -39.77 1.06 28.75
CA GLU C 20 -38.46 0.61 29.18
C GLU C 20 -37.48 0.44 28.02
N GLU C 21 -37.98 0.48 26.78
CA GLU C 21 -37.10 0.33 25.62
C GLU C 21 -36.01 1.39 25.64
N VAL C 22 -34.78 0.96 25.36
CA VAL C 22 -33.60 1.78 25.67
C VAL C 22 -33.53 3.02 24.79
N HIS C 23 -33.91 2.90 23.51
CA HIS C 23 -33.92 4.07 22.64
C HIS C 23 -34.90 5.13 23.15
N ASN C 24 -36.07 4.70 23.62
CA ASN C 24 -37.04 5.65 24.17
C ASN C 24 -36.48 6.36 25.40
N ILE C 25 -35.73 5.62 26.23
CA ILE C 25 -35.15 6.23 27.43
C ILE C 25 -34.08 7.24 27.04
N TRP C 26 -33.21 6.87 26.11
CA TRP C 26 -32.18 7.80 25.66
C TRP C 26 -32.78 9.07 25.09
N ALA C 27 -33.73 8.92 24.15
CA ALA C 27 -34.31 10.09 23.50
C ALA C 27 -35.14 10.93 24.48
N THR C 28 -35.77 10.29 25.46
CA THR C 28 -36.50 11.05 26.47
C THR C 28 -35.57 12.04 27.18
N HIS C 29 -34.37 11.60 27.53
CA HIS C 29 -33.40 12.47 28.19
C HIS C 29 -32.57 13.29 27.21
N ALA C 30 -32.55 12.92 25.93
CA ALA C 30 -31.63 13.51 24.97
C ALA C 30 -32.28 14.42 23.93
N CYS C 31 -33.53 14.17 23.56
CA CYS C 31 -34.19 14.89 22.47
C CYS C 31 -35.37 15.71 22.99
N VAL C 32 -35.96 16.47 22.09
CA VAL C 32 -37.12 17.31 22.40
C VAL C 32 -38.33 16.77 21.64
N PRO C 33 -39.54 17.22 21.96
CA PRO C 33 -40.70 16.80 21.16
C PRO C 33 -40.56 17.28 19.72
N THR C 34 -41.33 16.65 18.84
CA THR C 34 -41.31 16.98 17.42
C THR C 34 -42.52 17.85 17.07
N ASP C 35 -42.35 18.67 16.05
CA ASP C 35 -43.44 19.51 15.58
C ASP C 35 -44.45 18.65 14.83
N PRO C 36 -45.72 18.59 15.25
CA PRO C 36 -46.68 17.75 14.52
C PRO C 36 -46.92 18.18 13.09
N ASN C 37 -46.92 19.48 12.82
CA ASN C 37 -47.22 20.02 11.50
C ASN C 37 -46.09 20.95 11.06
N PRO C 38 -44.97 20.39 10.63
CA PRO C 38 -43.90 21.22 10.07
C PRO C 38 -44.19 21.57 8.61
N GLN C 39 -43.36 22.43 8.06
CA GLN C 39 -43.47 22.82 6.66
C GLN C 39 -42.07 23.02 6.08
N GLU C 40 -42.00 22.92 4.76
CA GLU C 40 -40.76 23.13 4.03
C GLU C 40 -41.03 24.07 2.87
N ILE C 41 -40.14 25.06 2.69
CA ILE C 41 -40.30 26.05 1.64
C ILE C 41 -39.51 25.58 0.42
N VAL C 42 -40.20 25.48 -0.72
CA VAL C 42 -39.53 25.15 -1.98
C VAL C 42 -38.87 26.42 -2.51
N LEU C 43 -37.58 26.31 -2.85
CA LEU C 43 -36.80 27.46 -3.29
C LEU C 43 -36.87 27.60 -4.80
N LYS C 44 -37.18 28.81 -5.27
CA LYS C 44 -37.39 29.06 -6.68
C LYS C 44 -36.06 29.38 -7.36
N ASN C 45 -35.75 28.64 -8.44
CA ASN C 45 -34.57 28.90 -9.25
C ASN C 45 -33.28 28.81 -8.45
N VAL C 46 -33.30 28.11 -7.32
CA VAL C 46 -32.13 27.96 -6.46
C VAL C 46 -31.46 26.63 -6.78
N THR C 47 -30.12 26.66 -6.84
CA THR C 47 -29.33 25.46 -7.05
C THR C 47 -28.16 25.48 -6.08
N GLU C 48 -28.06 24.43 -5.26
CA GLU C 48 -27.04 24.34 -4.23
C GLU C 48 -26.30 23.02 -4.36
N ASN C 49 -25.04 23.01 -3.92
CA ASN C 49 -24.21 21.82 -3.97
C ASN C 49 -24.32 21.04 -2.66
N PHE C 50 -24.29 19.72 -2.78
CA PHE C 50 -24.29 18.82 -1.63
C PHE C 50 -23.07 17.91 -1.71
N ASN C 51 -22.71 17.33 -0.57
CA ASN C 51 -21.63 16.33 -0.51
C ASN C 51 -21.91 15.44 0.69
N MET C 52 -22.64 14.34 0.44
CA MET C 52 -22.98 13.41 1.51
C MET C 52 -21.75 12.86 2.21
N TRP C 53 -20.58 12.89 1.56
CA TRP C 53 -19.36 12.32 2.12
C TRP C 53 -18.63 13.28 3.03
N LYS C 54 -18.87 14.59 2.90
CA LYS C 54 -18.34 15.57 3.83
C LYS C 54 -19.49 16.32 4.48
N ASN C 55 -20.30 15.61 5.26
CA ASN C 55 -21.49 16.17 5.88
C ASN C 55 -21.36 16.03 7.39
N ASP C 56 -21.15 17.14 8.08
CA ASP C 56 -20.95 17.10 9.53
C ASP C 56 -22.16 16.53 10.26
N MET C 57 -23.34 16.52 9.62
CA MET C 57 -24.51 15.91 10.25
C MET C 57 -24.25 14.44 10.58
N VAL C 58 -23.51 13.75 9.71
CA VAL C 58 -23.20 12.33 9.94
C VAL C 58 -22.46 12.16 11.25
N ASP C 59 -21.43 12.99 11.47
CA ASP C 59 -20.59 12.82 12.65
C ASP C 59 -21.36 13.11 13.93
N GLN C 60 -22.27 14.09 13.91
CA GLN C 60 -23.04 14.39 15.10
C GLN C 60 -23.99 13.26 15.46
N MET C 61 -24.64 12.66 14.45
CA MET C 61 -25.47 11.50 14.72
C MET C 61 -24.63 10.32 15.19
N HIS C 62 -23.46 10.13 14.59
CA HIS C 62 -22.59 9.03 14.98
C HIS C 62 -22.32 9.05 16.48
N GLU C 63 -21.95 10.22 17.02
CA GLU C 63 -21.68 10.32 18.45
C GLU C 63 -22.93 10.09 19.28
N ASP C 64 -24.11 10.44 18.74
CA ASP C 64 -25.36 10.16 19.45
C ASP C 64 -25.58 8.67 19.63
N ILE C 65 -25.44 7.91 18.55
CA ILE C 65 -25.68 6.47 18.62
C ILE C 65 -24.63 5.79 19.48
N ILE C 66 -23.38 6.23 19.38
CA ILE C 66 -22.34 5.74 20.29
C ILE C 66 -22.77 5.95 21.74
N SER C 67 -23.16 7.18 22.06
CA SER C 67 -23.62 7.48 23.42
C SER C 67 -24.79 6.60 23.81
N LEU C 68 -25.70 6.32 22.86
CA LEU C 68 -26.87 5.51 23.16
C LEU C 68 -26.46 4.08 23.52
N TRP C 69 -25.65 3.45 22.67
CA TRP C 69 -25.25 2.06 22.90
C TRP C 69 -24.44 1.94 24.19
N ASP C 70 -23.47 2.82 24.40
CA ASP C 70 -22.62 2.72 25.58
C ASP C 70 -23.43 2.80 26.87
N GLN C 71 -24.54 3.55 26.86
CA GLN C 71 -25.36 3.69 28.05
C GLN C 71 -26.42 2.59 28.16
N SER C 72 -26.90 2.08 27.04
CA SER C 72 -27.98 1.10 27.04
C SER C 72 -27.48 -0.33 27.21
N LEU C 73 -26.44 -0.70 26.48
CA LEU C 73 -25.96 -2.08 26.44
C LEU C 73 -24.70 -2.20 27.30
N LYS C 74 -24.91 -2.35 28.60
CA LYS C 74 -23.82 -2.59 29.53
C LYS C 74 -23.35 -4.04 29.39
N PRO C 75 -22.12 -4.30 28.96
CA PRO C 75 -21.65 -5.68 28.86
C PRO C 75 -21.18 -6.23 30.21
N CYS C 76 -21.12 -7.56 30.27
CA CYS C 76 -20.64 -8.22 31.49
C CYS C 76 -19.14 -7.97 31.68
N VAL C 77 -18.38 -8.00 30.58
CA VAL C 77 -16.95 -7.74 30.60
C VAL C 77 -16.61 -6.90 29.39
N LYS C 78 -15.83 -5.83 29.60
CA LYS C 78 -15.38 -4.95 28.53
C LYS C 78 -13.86 -4.91 28.55
N LEU C 79 -13.23 -5.32 27.45
CA LEU C 79 -11.78 -5.34 27.33
C LEU C 79 -11.35 -4.21 26.39
N THR C 80 -10.70 -3.20 26.95
CA THR C 80 -10.18 -2.07 26.18
C THR C 80 -8.70 -1.95 26.49
N GLY C 81 -7.86 -2.21 25.48
CA GLY C 81 -6.44 -2.25 25.70
C GLY C 81 -6.04 -3.43 26.56
N GLY C 82 -5.72 -3.18 27.83
CA GLY C 82 -5.39 -4.24 28.76
C GLY C 82 -6.25 -4.22 30.00
N SER C 83 -7.05 -3.16 30.16
CA SER C 83 -7.91 -2.99 31.33
C SER C 83 -9.24 -3.70 31.07
N ALA C 84 -9.51 -4.74 31.85
CA ALA C 84 -10.78 -5.44 31.80
C ALA C 84 -11.71 -4.87 32.85
N VAL C 85 -12.93 -4.50 32.44
CA VAL C 85 -13.93 -3.92 33.31
C VAL C 85 -15.13 -4.85 33.36
N THR C 86 -15.58 -5.18 34.57
CA THR C 86 -16.76 -6.00 34.77
C THR C 86 -17.84 -5.18 35.47
N GLN C 87 -19.10 -5.51 35.18
CA GLN C 87 -20.22 -4.75 35.72
C GLN C 87 -21.50 -5.55 35.47
N ALA C 88 -22.59 -5.06 36.04
CA ALA C 88 -23.89 -5.67 35.82
C ALA C 88 -24.27 -5.56 34.35
N CYS C 89 -24.78 -6.66 33.78
CA CYS C 89 -25.13 -6.74 32.37
C CYS C 89 -26.54 -7.30 32.20
N PRO C 90 -27.54 -6.59 32.72
CA PRO C 90 -28.92 -7.08 32.59
C PRO C 90 -29.41 -7.00 31.15
N LYS C 91 -30.39 -7.86 30.84
CA LYS C 91 -31.02 -7.85 29.53
C LYS C 91 -31.99 -6.69 29.43
N VAL C 92 -31.94 -5.99 28.31
CA VAL C 92 -32.72 -4.76 28.11
C VAL C 92 -33.68 -4.97 26.95
N SER C 93 -34.63 -4.04 26.83
CA SER C 93 -35.55 -4.00 25.70
C SER C 93 -34.94 -3.10 24.62
N PHE C 94 -34.82 -3.64 23.40
CA PHE C 94 -34.08 -2.99 22.32
C PHE C 94 -34.94 -2.97 21.06
N ASP C 95 -35.29 -1.78 20.59
CA ASP C 95 -36.03 -1.62 19.34
C ASP C 95 -35.88 -0.18 18.86
N PRO C 96 -35.06 0.07 17.84
CA PRO C 96 -34.80 1.46 17.44
C PRO C 96 -36.07 2.22 17.10
N ILE C 97 -36.03 3.53 17.31
CA ILE C 97 -37.14 4.43 17.01
C ILE C 97 -36.62 5.56 16.13
N PRO C 98 -37.44 6.17 15.29
CA PRO C 98 -36.93 7.25 14.43
C PRO C 98 -36.46 8.44 15.24
N ILE C 99 -35.40 9.08 14.73
CA ILE C 99 -34.81 10.26 15.35
C ILE C 99 -34.66 11.34 14.29
N HIS C 100 -35.16 12.54 14.58
CA HIS C 100 -35.00 13.69 13.71
C HIS C 100 -33.83 14.54 14.18
N TYR C 101 -33.06 15.06 13.23
CA TYR C 101 -31.97 15.98 13.52
C TYR C 101 -32.35 17.37 13.04
N CYS C 102 -32.16 18.37 13.89
CA CYS C 102 -32.75 19.68 13.69
C CYS C 102 -31.68 20.76 13.79
N ALA C 103 -31.87 21.83 12.98
CA ALA C 103 -31.01 23.00 13.02
C ALA C 103 -31.58 24.05 13.97
N PRO C 104 -30.75 24.66 14.83
CA PRO C 104 -31.28 25.65 15.78
C PRO C 104 -31.56 27.00 15.14
N ALA C 105 -31.95 27.98 15.96
CA ALA C 105 -32.25 29.31 15.45
C ALA C 105 -31.05 29.89 14.71
N GLY C 106 -31.35 30.66 13.66
CA GLY C 106 -30.33 31.22 12.81
C GLY C 106 -29.76 30.27 11.77
N TYR C 107 -30.15 29.00 11.81
CA TYR C 107 -29.69 28.01 10.86
C TYR C 107 -30.89 27.28 10.27
N ALA C 108 -30.64 26.56 9.17
CA ALA C 108 -31.67 25.78 8.52
C ALA C 108 -31.01 24.58 7.85
N ILE C 109 -31.85 23.60 7.50
CA ILE C 109 -31.40 22.40 6.81
C ILE C 109 -31.99 22.42 5.40
N LEU C 110 -31.12 22.31 4.40
CA LEU C 110 -31.55 22.22 3.02
C LEU C 110 -31.72 20.76 2.62
N LYS C 111 -32.79 20.48 1.89
CA LYS C 111 -33.16 19.13 1.49
C LYS C 111 -33.16 19.06 -0.02
N CYS C 112 -32.35 18.17 -0.58
CA CYS C 112 -32.35 17.93 -2.01
C CYS C 112 -33.47 16.96 -2.37
N ASN C 113 -34.35 17.38 -3.28
CA ASN C 113 -35.53 16.61 -3.64
C ASN C 113 -35.43 16.00 -5.02
N ASN C 114 -34.27 16.08 -5.67
CA ASN C 114 -34.07 15.37 -6.93
C ASN C 114 -34.24 13.88 -6.69
N LYS C 115 -35.21 13.27 -7.39
CA LYS C 115 -35.54 11.87 -7.15
C LYS C 115 -34.35 10.93 -7.37
N THR C 116 -33.36 11.35 -8.15
CA THR C 116 -32.22 10.50 -8.47
C THR C 116 -30.90 11.22 -8.20
N PHE C 117 -30.87 12.03 -7.15
CA PHE C 117 -29.63 12.70 -6.77
C PHE C 117 -28.63 11.67 -6.26
N ASN C 118 -27.42 11.68 -6.82
CA ASN C 118 -26.44 10.65 -6.52
C ASN C 118 -25.74 10.86 -5.17
N GLY C 119 -25.88 12.03 -4.56
CA GLY C 119 -25.32 12.29 -3.24
C GLY C 119 -24.23 13.34 -3.23
N THR C 120 -23.64 13.64 -4.38
CA THR C 120 -22.60 14.66 -4.46
C THR C 120 -22.76 15.42 -5.76
N GLY C 121 -22.71 16.75 -5.68
CA GLY C 121 -22.87 17.58 -6.84
C GLY C 121 -24.02 18.56 -6.67
N PRO C 122 -24.42 19.22 -7.76
CA PRO C 122 -25.51 20.19 -7.66
C PRO C 122 -26.87 19.52 -7.56
N CYS C 123 -27.82 20.27 -6.97
CA CYS C 123 -29.20 19.83 -6.85
C CYS C 123 -30.09 21.00 -7.23
N ASN C 124 -30.98 20.79 -8.20
CA ASN C 124 -31.81 21.86 -8.75
C ASN C 124 -33.26 21.79 -8.25
N ASN C 125 -33.49 21.16 -7.10
CA ASN C 125 -34.82 21.06 -6.50
C ASN C 125 -34.63 21.05 -4.99
N VAL C 126 -34.26 22.22 -4.44
CA VAL C 126 -33.89 22.33 -3.04
C VAL C 126 -35.11 22.74 -2.23
N SER C 127 -35.16 22.26 -0.98
CA SER C 127 -36.17 22.65 -0.02
C SER C 127 -35.48 22.92 1.31
N THR C 128 -36.13 23.74 2.14
CA THR C 128 -35.60 24.11 3.44
C THR C 128 -36.48 23.51 4.54
N VAL C 129 -35.85 22.87 5.52
CA VAL C 129 -36.55 22.31 6.66
C VAL C 129 -35.78 22.70 7.92
N GLN C 130 -36.45 22.55 9.07
CA GLN C 130 -35.77 22.69 10.35
C GLN C 130 -35.27 21.37 10.89
N CYS C 131 -35.92 20.26 10.52
CA CYS C 131 -35.51 18.94 10.96
C CYS C 131 -35.53 17.98 9.78
N THR C 132 -34.74 16.92 9.89
CA THR C 132 -34.73 15.85 8.91
C THR C 132 -35.96 14.98 9.10
N HIS C 133 -36.08 13.95 8.26
CA HIS C 133 -37.10 12.94 8.44
C HIS C 133 -36.70 12.00 9.58
N GLY C 134 -37.64 11.14 9.98
CA GLY C 134 -37.39 10.18 11.04
C GLY C 134 -36.41 9.11 10.63
N ILE C 135 -35.23 9.08 11.25
CA ILE C 135 -34.16 8.18 10.88
C ILE C 135 -33.97 7.17 12.01
N LYS C 136 -34.28 5.90 11.72
CA LYS C 136 -34.01 4.84 12.68
C LYS C 136 -32.53 4.50 12.67
N PRO C 137 -31.79 4.54 13.92
CA PRO C 137 -30.34 4.24 13.93
C PRO C 137 -30.04 2.74 13.98
N VAL C 138 -30.14 2.09 12.82
CA VAL C 138 -30.00 0.65 12.73
C VAL C 138 -28.52 0.33 12.48
N VAL C 139 -27.89 -0.29 13.49
CA VAL C 139 -26.51 -0.72 13.36
C VAL C 139 -26.48 -2.07 12.64
N SER C 140 -25.73 -2.14 11.54
CA SER C 140 -25.64 -3.37 10.77
C SER C 140 -24.46 -3.28 9.82
N THR C 141 -24.06 -4.43 9.30
CA THR C 141 -23.04 -4.53 8.27
C THR C 141 -23.61 -5.24 7.05
N GLN C 142 -22.96 -4.99 5.90
CA GLN C 142 -23.30 -5.63 4.64
C GLN C 142 -24.66 -5.18 4.11
N LEU C 143 -25.72 -5.41 4.89
CA LEU C 143 -27.08 -5.07 4.46
C LEU C 143 -27.61 -3.93 5.31
N LEU C 144 -28.11 -2.89 4.66
CA LEU C 144 -28.78 -1.78 5.33
C LEU C 144 -30.24 -2.14 5.55
N LEU C 145 -30.68 -2.08 6.80
CA LEU C 145 -32.01 -2.55 7.17
C LEU C 145 -32.89 -1.39 7.64
N ASN C 146 -34.18 -1.50 7.33
CA ASN C 146 -35.22 -0.64 7.90
C ASN C 146 -35.01 0.83 7.55
N GLY C 147 -34.34 1.09 6.43
CA GLY C 147 -34.12 2.44 5.96
C GLY C 147 -35.22 2.90 5.02
N SER C 148 -35.01 4.08 4.45
CA SER C 148 -35.93 4.64 3.46
C SER C 148 -35.48 4.26 2.06
N LEU C 149 -36.42 3.85 1.22
CA LEU C 149 -36.11 3.40 -0.12
C LEU C 149 -35.96 4.58 -1.08
N ALA C 150 -35.22 4.35 -2.16
CA ALA C 150 -35.16 5.32 -3.24
C ALA C 150 -36.52 5.43 -3.91
N GLU C 151 -36.89 6.65 -4.29
CA GLU C 151 -38.24 6.90 -4.77
C GLU C 151 -38.45 6.46 -6.21
N GLU C 152 -37.39 6.38 -7.01
CA GLU C 152 -37.53 5.92 -8.39
C GLU C 152 -36.80 4.61 -8.61
N GLU C 153 -35.62 4.65 -9.24
CA GLU C 153 -34.86 3.44 -9.50
C GLU C 153 -33.74 3.29 -8.48
N VAL C 154 -33.04 2.15 -8.56
CA VAL C 154 -31.89 1.93 -7.69
C VAL C 154 -30.81 2.96 -8.00
N VAL C 155 -30.14 3.43 -6.94
CA VAL C 155 -29.13 4.47 -7.04
C VAL C 155 -27.85 3.97 -6.38
N ILE C 156 -26.73 4.11 -7.08
CA ILE C 156 -25.41 3.75 -6.55
C ILE C 156 -24.72 5.04 -6.12
N ARG C 157 -24.15 5.03 -4.92
CA ARG C 157 -23.52 6.21 -4.36
C ARG C 157 -22.07 5.91 -3.97
N PHE C 158 -21.16 6.80 -4.36
CA PHE C 158 -19.75 6.66 -4.05
C PHE C 158 -19.11 8.04 -4.11
N GLU C 159 -17.99 8.19 -3.41
CA GLU C 159 -17.28 9.46 -3.39
C GLU C 159 -16.38 9.60 -4.62
N ASN C 160 -15.56 8.58 -4.89
CA ASN C 160 -14.74 8.56 -6.09
C ASN C 160 -14.63 7.13 -6.59
N LEU C 161 -14.95 6.92 -7.86
CA LEU C 161 -14.97 5.58 -8.42
C LEU C 161 -13.59 4.93 -8.34
N THR C 162 -12.54 5.68 -8.64
CA THR C 162 -11.21 5.08 -8.82
C THR C 162 -10.59 4.64 -7.51
N ASN C 163 -11.05 5.15 -6.37
CA ASN C 163 -10.47 4.84 -5.07
C ASN C 163 -11.10 3.56 -4.54
N ASN C 164 -10.38 2.44 -4.65
CA ASN C 164 -10.90 1.15 -4.21
C ASN C 164 -10.96 1.03 -2.69
N ALA C 165 -10.50 2.03 -1.95
CA ALA C 165 -10.62 2.03 -0.49
C ALA C 165 -11.86 2.76 0.00
N LYS C 166 -12.69 3.28 -0.90
CA LYS C 166 -13.93 3.93 -0.53
C LYS C 166 -15.09 2.93 -0.60
N ILE C 167 -16.13 3.22 0.16
CA ILE C 167 -17.29 2.34 0.26
C ILE C 167 -18.32 2.78 -0.78
N ILE C 168 -19.13 1.82 -1.23
CA ILE C 168 -20.20 2.06 -2.18
C ILE C 168 -21.53 1.82 -1.47
N ILE C 169 -22.39 2.82 -1.48
CA ILE C 169 -23.70 2.74 -0.82
C ILE C 169 -24.74 2.48 -1.91
N VAL C 170 -25.34 1.31 -1.88
CA VAL C 170 -26.44 0.97 -2.79
C VAL C 170 -27.75 1.31 -2.10
N HIS C 171 -28.60 2.07 -2.79
CA HIS C 171 -29.89 2.49 -2.26
C HIS C 171 -30.99 1.84 -3.07
N LEU C 172 -31.63 0.82 -2.51
CA LEU C 172 -32.68 0.10 -3.23
C LEU C 172 -33.96 0.93 -3.31
N ASN C 173 -34.77 0.62 -4.34
CA ASN C 173 -36.09 1.21 -4.49
C ASN C 173 -37.21 0.26 -4.08
N GLU C 174 -36.99 -1.04 -4.20
CA GLU C 174 -37.91 -2.05 -3.72
C GLU C 174 -37.28 -2.81 -2.58
N SER C 175 -38.05 -3.03 -1.51
CA SER C 175 -37.54 -3.70 -0.33
C SER C 175 -37.41 -5.20 -0.56
N VAL C 176 -36.42 -5.79 0.09
CA VAL C 176 -36.24 -7.25 0.11
C VAL C 176 -36.25 -7.65 1.58
N GLU C 177 -37.41 -8.07 2.07
CA GLU C 177 -37.53 -8.38 3.49
C GLU C 177 -36.59 -9.52 3.87
N ILE C 178 -36.16 -9.49 5.14
CA ILE C 178 -35.34 -10.54 5.72
C ILE C 178 -35.91 -10.85 7.10
N ASN C 179 -36.32 -12.09 7.32
CA ASN C 179 -36.94 -12.50 8.57
C ASN C 179 -36.00 -13.45 9.30
N CYS C 180 -35.47 -13.00 10.43
CA CYS C 180 -34.54 -13.78 11.24
C CYS C 180 -35.20 -14.20 12.54
N THR C 181 -34.88 -15.40 12.99
CA THR C 181 -35.53 -15.96 14.17
C THR C 181 -34.55 -16.85 14.92
N ARG C 182 -34.71 -16.89 16.24
CA ARG C 182 -34.05 -17.87 17.10
C ARG C 182 -35.17 -18.69 17.75
N PRO C 183 -35.53 -19.84 17.19
CA PRO C 183 -36.74 -20.55 17.66
C PRO C 183 -36.64 -20.93 19.13
N SER C 184 -37.82 -21.12 19.73
CA SER C 184 -37.88 -21.49 21.15
C SER C 184 -37.25 -22.84 21.41
N ASN C 185 -37.38 -23.77 20.47
CA ASN C 185 -36.80 -25.11 20.62
C ASN C 185 -35.68 -25.32 19.60
N ASP C 193 -29.26 -25.96 20.71
CA ASP C 193 -28.33 -24.84 20.80
C ASP C 193 -29.09 -23.52 20.90
N ILE C 194 -28.93 -22.82 22.02
CA ILE C 194 -29.66 -21.59 22.28
C ILE C 194 -29.07 -20.44 21.47
N ARG C 195 -28.00 -20.70 20.72
CA ARG C 195 -27.36 -19.67 19.92
C ARG C 195 -27.50 -19.91 18.42
N GLN C 196 -28.22 -20.95 18.01
CA GLN C 196 -28.44 -21.21 16.59
C GLN C 196 -29.65 -20.43 16.10
N ALA C 197 -29.51 -19.78 14.96
CA ALA C 197 -30.58 -18.98 14.38
C ALA C 197 -30.49 -19.07 12.86
N HIS C 198 -31.47 -18.46 12.20
CA HIS C 198 -31.52 -18.48 10.74
C HIS C 198 -32.39 -17.33 10.26
N CYS C 199 -32.20 -16.96 8.99
CA CYS C 199 -33.01 -15.96 8.32
C CYS C 199 -33.53 -16.53 7.01
N ASN C 200 -34.60 -15.91 6.50
CA ASN C 200 -35.21 -16.30 5.24
C ASN C 200 -35.36 -15.07 4.34
N ILE C 201 -35.01 -15.24 3.07
CA ILE C 201 -35.14 -14.17 2.07
C ILE C 201 -35.72 -14.79 0.81
N SER C 202 -36.56 -14.02 0.11
CA SER C 202 -37.12 -14.48 -1.14
C SER C 202 -36.02 -14.65 -2.18
N ARG C 203 -35.90 -15.86 -2.72
CA ARG C 203 -34.85 -16.13 -3.71
C ARG C 203 -35.01 -15.26 -4.95
N LYS C 204 -36.25 -14.99 -5.35
CA LYS C 204 -36.48 -14.17 -6.54
C LYS C 204 -36.28 -12.69 -6.26
N LYS C 205 -36.77 -12.22 -5.10
CA LYS C 205 -36.56 -10.82 -4.74
C LYS C 205 -35.08 -10.49 -4.66
N TRP C 206 -34.29 -11.39 -4.06
CA TRP C 206 -32.85 -11.16 -3.96
C TRP C 206 -32.18 -11.26 -5.32
N ASN C 207 -32.44 -12.36 -6.05
CA ASN C 207 -31.86 -12.51 -7.37
C ASN C 207 -32.31 -11.40 -8.31
N THR C 208 -33.53 -10.91 -8.14
CA THR C 208 -33.98 -9.77 -8.92
C THR C 208 -33.28 -8.49 -8.47
N THR C 209 -33.26 -8.24 -7.17
CA THR C 209 -32.58 -7.04 -6.65
C THR C 209 -31.13 -7.02 -7.08
N LEU C 210 -30.43 -8.14 -6.95
CA LEU C 210 -29.02 -8.18 -7.32
C LEU C 210 -28.84 -7.90 -8.81
N GLN C 211 -29.75 -8.41 -9.64
CA GLN C 211 -29.67 -8.15 -11.08
C GLN C 211 -29.79 -6.66 -11.38
N ARG C 212 -30.67 -5.97 -10.64
CA ARG C 212 -30.87 -4.53 -10.87
C ARG C 212 -29.65 -3.73 -10.41
N VAL C 213 -29.05 -4.11 -9.28
CA VAL C 213 -27.83 -3.43 -8.84
C VAL C 213 -26.73 -3.64 -9.86
N LYS C 214 -26.62 -4.85 -10.41
CA LYS C 214 -25.59 -5.13 -11.41
C LYS C 214 -25.77 -4.23 -12.63
N GLU C 215 -27.01 -4.11 -13.13
CA GLU C 215 -27.25 -3.26 -14.30
C GLU C 215 -26.83 -1.82 -14.02
N LYS C 216 -27.10 -1.32 -12.82
CA LYS C 216 -26.71 0.05 -12.49
C LYS C 216 -25.19 0.18 -12.37
N LEU C 217 -24.51 -0.90 -11.97
CA LEU C 217 -23.06 -0.85 -11.88
C LEU C 217 -22.41 -0.77 -13.26
N LYS C 218 -23.01 -1.42 -14.27
CA LYS C 218 -22.47 -1.33 -15.62
C LYS C 218 -22.50 0.09 -16.14
N GLU C 219 -23.45 0.90 -15.69
CA GLU C 219 -23.50 2.30 -16.11
C GLU C 219 -22.24 3.05 -15.68
N LYS C 220 -21.71 2.74 -14.50
CA LYS C 220 -20.52 3.39 -13.99
C LYS C 220 -19.23 2.73 -14.46
N PHE C 221 -19.28 1.47 -14.88
CA PHE C 221 -18.13 0.74 -15.40
C PHE C 221 -18.48 0.26 -16.80
N PRO C 222 -18.29 1.10 -17.83
CA PRO C 222 -18.82 0.77 -19.17
C PRO C 222 -18.47 -0.64 -19.66
N ASN C 223 -17.31 -0.79 -20.31
CA ASN C 223 -16.97 -2.04 -20.99
C ASN C 223 -16.33 -3.04 -20.02
N LYS C 224 -17.13 -3.44 -19.03
CA LYS C 224 -16.69 -4.42 -18.05
C LYS C 224 -17.90 -5.20 -17.52
N THR C 225 -17.69 -6.49 -17.28
CA THR C 225 -18.73 -7.34 -16.71
C THR C 225 -18.67 -7.29 -15.20
N ILE C 226 -19.85 -7.30 -14.57
CA ILE C 226 -19.97 -7.09 -13.13
C ILE C 226 -20.21 -8.42 -12.44
N GLN C 227 -19.52 -8.64 -11.31
CA GLN C 227 -19.63 -9.89 -10.58
C GLN C 227 -19.61 -9.61 -9.08
N PHE C 228 -20.34 -10.41 -8.33
CA PHE C 228 -20.38 -10.33 -6.88
C PHE C 228 -19.65 -11.51 -6.27
N ALA C 229 -19.14 -11.31 -5.06
CA ALA C 229 -18.40 -12.35 -4.35
C ALA C 229 -18.52 -12.08 -2.86
N PRO C 230 -18.30 -13.09 -2.02
CA PRO C 230 -18.33 -12.87 -0.58
C PRO C 230 -17.13 -12.08 -0.09
N SER C 231 -17.20 -11.66 1.17
CA SER C 231 -16.10 -10.90 1.76
C SER C 231 -14.80 -11.68 1.68
N SER C 232 -13.70 -10.94 1.50
CA SER C 232 -12.38 -11.54 1.40
C SER C 232 -11.69 -11.74 2.73
N GLY C 233 -12.22 -11.17 3.80
CA GLY C 233 -11.63 -11.36 5.11
C GLY C 233 -12.03 -10.27 6.07
N GLY C 234 -11.54 -10.41 7.29
CA GLY C 234 -11.83 -9.50 8.38
C GLY C 234 -12.52 -10.21 9.52
N ASP C 235 -12.77 -9.43 10.58
CA ASP C 235 -13.48 -9.96 11.73
C ASP C 235 -14.88 -10.43 11.33
N LEU C 236 -15.47 -11.27 12.19
CA LEU C 236 -16.76 -11.84 11.89
C LEU C 236 -17.86 -10.79 11.81
N GLU C 237 -17.63 -9.61 12.39
CA GLU C 237 -18.65 -8.55 12.32
C GLU C 237 -18.89 -8.10 10.89
N ILE C 238 -17.85 -8.08 10.05
CA ILE C 238 -18.00 -7.58 8.69
C ILE C 238 -18.02 -8.66 7.62
N THR C 239 -17.52 -9.87 7.93
CA THR C 239 -17.58 -10.96 6.96
C THR C 239 -18.95 -11.61 6.91
N THR C 240 -19.81 -11.34 7.88
CA THR C 240 -21.21 -11.76 7.85
C THR C 240 -22.11 -10.54 7.98
N HIS C 241 -23.40 -10.75 7.74
CA HIS C 241 -24.41 -9.73 8.01
C HIS C 241 -24.67 -9.72 9.51
N SER C 242 -24.09 -8.74 10.20
CA SER C 242 -24.23 -8.60 11.64
C SER C 242 -25.20 -7.48 11.98
N PHE C 243 -25.96 -7.69 13.05
CA PHE C 243 -26.98 -6.74 13.48
C PHE C 243 -27.45 -7.16 14.87
N ASN C 244 -28.16 -6.23 15.53
CA ASN C 244 -28.67 -6.48 16.88
C ASN C 244 -30.18 -6.63 16.81
N CYS C 245 -30.68 -7.76 17.31
CA CYS C 245 -32.10 -8.08 17.32
C CYS C 245 -32.54 -8.27 18.76
N ARG C 246 -33.42 -7.39 19.24
CA ARG C 246 -33.99 -7.48 20.59
C ARG C 246 -32.90 -7.55 21.66
N GLY C 247 -31.75 -6.96 21.38
CA GLY C 247 -30.64 -6.93 22.30
C GLY C 247 -29.59 -8.00 22.05
N GLU C 248 -29.91 -9.02 21.27
CA GLU C 248 -28.98 -10.09 20.97
C GLU C 248 -28.23 -9.78 19.67
N PHE C 249 -26.93 -10.09 19.66
CA PHE C 249 -26.08 -9.77 18.52
C PHE C 249 -26.10 -10.94 17.54
N PHE C 250 -26.72 -10.73 16.38
CA PHE C 250 -26.82 -11.76 15.35
C PHE C 250 -25.66 -11.62 14.36
N TYR C 251 -25.13 -12.76 13.94
CA TYR C 251 -24.12 -12.84 12.89
C TYR C 251 -24.61 -13.85 11.85
N CYS C 252 -25.00 -13.37 10.68
CA CYS C 252 -25.64 -14.18 9.67
C CYS C 252 -24.72 -14.33 8.46
N TYR C 253 -24.40 -15.57 8.10
CA TYR C 253 -23.53 -15.83 6.97
C TYR C 253 -24.26 -15.55 5.66
N THR C 254 -23.61 -14.79 4.78
CA THR C 254 -24.21 -14.38 3.52
C THR C 254 -23.44 -14.93 2.31
N SER C 255 -22.55 -15.90 2.52
CA SER C 255 -21.74 -16.42 1.42
C SER C 255 -22.60 -16.83 0.24
N ASP C 256 -23.77 -17.41 0.49
CA ASP C 256 -24.62 -17.87 -0.59
C ASP C 256 -25.37 -16.73 -1.29
N LEU C 257 -25.55 -15.59 -0.62
CA LEU C 257 -26.21 -14.46 -1.27
C LEU C 257 -25.35 -13.86 -2.37
N PHE C 258 -24.02 -13.91 -2.22
CA PHE C 258 -23.10 -13.30 -3.18
C PHE C 258 -22.25 -14.34 -3.90
N ASN C 259 -22.63 -15.61 -3.85
CA ASN C 259 -21.95 -16.67 -4.59
C ASN C 259 -22.54 -16.74 -6.00
N SER C 260 -21.69 -16.56 -7.02
CA SER C 260 -22.17 -16.55 -8.39
C SER C 260 -22.76 -17.91 -8.78
N THR C 261 -22.05 -18.99 -8.44
CA THR C 261 -22.51 -20.33 -8.82
C THR C 261 -23.80 -20.71 -8.11
N TYR C 262 -24.05 -20.14 -6.93
CA TYR C 262 -25.19 -20.56 -6.12
C TYR C 262 -26.43 -19.67 -6.33
N MET C 263 -26.25 -18.43 -6.74
CA MET C 263 -27.35 -17.48 -6.85
C MET C 263 -27.93 -17.17 -5.48
N GLY C 268 -32.23 -23.68 -7.42
CA GLY C 268 -33.35 -24.48 -7.01
C GLY C 268 -33.77 -24.23 -5.57
N GLY C 269 -34.80 -23.41 -5.40
CA GLY C 269 -35.31 -23.09 -4.08
C GLY C 269 -36.32 -21.95 -4.08
N ALA C 270 -37.11 -21.85 -3.01
CA ALA C 270 -38.10 -20.79 -2.87
C ALA C 270 -37.66 -19.70 -1.90
N ASN C 271 -37.20 -20.09 -0.71
CA ASN C 271 -36.73 -19.15 0.29
C ASN C 271 -35.29 -19.50 0.63
N ILE C 272 -34.35 -18.62 0.27
CA ILE C 272 -32.96 -18.79 0.67
C ILE C 272 -32.88 -18.66 2.18
N THR C 273 -32.24 -19.63 2.82
CA THR C 273 -32.10 -19.67 4.27
C THR C 273 -30.65 -19.45 4.65
N LEU C 274 -30.40 -18.39 5.41
CA LEU C 274 -29.07 -18.11 5.94
C LEU C 274 -28.94 -18.68 7.35
N GLN C 275 -27.76 -19.21 7.67
CA GLN C 275 -27.47 -19.67 9.01
C GLN C 275 -26.85 -18.54 9.81
N CYS C 276 -27.34 -18.35 11.04
CA CYS C 276 -26.86 -17.29 11.92
C CYS C 276 -26.44 -17.87 13.25
N ARG C 277 -25.63 -17.10 13.97
CA ARG C 277 -25.18 -17.45 15.31
C ARG C 277 -25.31 -16.23 16.21
N ILE C 278 -25.86 -16.42 17.40
CA ILE C 278 -25.88 -15.39 18.42
C ILE C 278 -24.59 -15.48 19.22
N LYS C 279 -23.90 -14.36 19.37
CA LYS C 279 -22.61 -14.32 20.06
C LYS C 279 -22.70 -13.40 21.26
N GLN C 280 -22.14 -13.87 22.38
CA GLN C 280 -22.03 -13.02 23.56
C GLN C 280 -20.79 -12.14 23.51
N ILE C 281 -19.74 -12.58 22.82
CA ILE C 281 -18.49 -11.84 22.72
C ILE C 281 -18.44 -11.18 21.35
N ILE C 282 -18.33 -9.85 21.34
CA ILE C 282 -18.42 -9.08 20.12
C ILE C 282 -17.27 -8.08 20.08
N ARG C 283 -16.92 -7.68 18.86
CA ARG C 283 -16.00 -6.57 18.64
C ARG C 283 -16.84 -5.31 18.45
N MET C 284 -16.64 -4.34 19.34
CA MET C 284 -17.52 -3.18 19.40
C MET C 284 -17.28 -2.27 18.21
N TRP C 285 -18.37 -1.83 17.57
CA TRP C 285 -18.27 -0.88 16.47
C TRP C 285 -18.09 0.54 16.96
N GLN C 286 -18.59 0.87 18.15
CA GLN C 286 -18.58 2.24 18.65
C GLN C 286 -17.25 2.63 19.29
N GLY C 287 -16.33 1.69 19.46
CA GLY C 287 -15.06 2.01 20.06
C GLY C 287 -14.06 0.89 19.82
N VAL C 288 -12.91 1.02 20.45
CA VAL C 288 -11.85 0.02 20.38
C VAL C 288 -12.00 -0.87 21.61
N GLY C 289 -12.32 -2.13 21.39
CA GLY C 289 -12.43 -3.08 22.48
C GLY C 289 -13.44 -4.15 22.19
N GLN C 290 -13.38 -5.21 23.01
CA GLN C 290 -14.29 -6.33 22.93
C GLN C 290 -15.18 -6.35 24.17
N ALA C 291 -16.36 -6.94 24.02
CA ALA C 291 -17.35 -6.99 25.09
C ALA C 291 -17.97 -8.37 25.14
N MET C 292 -18.30 -8.82 26.36
CA MET C 292 -19.00 -10.07 26.58
C MET C 292 -20.35 -9.76 27.23
N TYR C 293 -21.43 -10.19 26.59
CA TYR C 293 -22.78 -10.01 27.12
C TYR C 293 -23.28 -11.33 27.70
N ALA C 294 -24.49 -11.30 28.24
CA ALA C 294 -25.09 -12.48 28.85
C ALA C 294 -25.71 -13.38 27.79
N PRO C 295 -26.00 -14.63 28.14
CA PRO C 295 -26.60 -15.56 27.16
C PRO C 295 -27.93 -15.02 26.67
N PRO C 296 -28.44 -15.54 25.55
CA PRO C 296 -29.67 -15.01 24.98
C PRO C 296 -30.89 -15.34 25.83
N ILE C 297 -31.87 -14.42 25.79
CA ILE C 297 -33.14 -14.62 26.47
C ILE C 297 -33.83 -15.83 25.86
N ALA C 298 -34.88 -16.30 26.53
CA ALA C 298 -35.67 -17.43 26.04
C ALA C 298 -36.85 -16.94 25.21
N GLY C 299 -37.46 -17.88 24.49
CA GLY C 299 -38.59 -17.56 23.64
C GLY C 299 -38.19 -17.38 22.19
N ASN C 300 -39.16 -16.87 21.42
CA ASN C 300 -38.94 -16.62 19.99
C ASN C 300 -38.30 -15.26 19.82
N ILE C 301 -37.00 -15.25 19.53
CA ILE C 301 -36.27 -14.02 19.25
C ILE C 301 -36.34 -13.80 17.75
N THR C 302 -37.32 -13.01 17.31
CA THR C 302 -37.62 -12.83 15.90
C THR C 302 -37.47 -11.36 15.51
N CYS C 303 -36.89 -11.13 14.34
CA CYS C 303 -36.79 -9.79 13.76
C CYS C 303 -37.10 -9.89 12.28
N LYS C 304 -38.28 -9.39 11.89
CA LYS C 304 -38.65 -9.26 10.49
C LYS C 304 -38.28 -7.86 10.03
N SER C 305 -37.21 -7.75 9.24
CA SER C 305 -36.67 -6.47 8.81
C SER C 305 -36.83 -6.31 7.30
N ASN C 306 -36.34 -5.18 6.79
CA ASN C 306 -36.39 -4.86 5.37
C ASN C 306 -35.00 -4.46 4.89
N ILE C 307 -34.46 -5.23 3.95
CA ILE C 307 -33.21 -4.84 3.29
C ILE C 307 -33.53 -3.68 2.35
N THR C 308 -32.97 -2.52 2.63
CA THR C 308 -33.20 -1.32 1.82
C THR C 308 -31.93 -0.79 1.17
N GLY C 309 -30.77 -1.37 1.47
CA GLY C 309 -29.53 -0.91 0.87
C GLY C 309 -28.43 -1.93 1.06
N LEU C 310 -27.31 -1.67 0.39
CA LEU C 310 -26.15 -2.54 0.43
C LEU C 310 -24.89 -1.71 0.58
N LEU C 311 -23.91 -2.27 1.27
CA LEU C 311 -22.58 -1.68 1.41
C LEU C 311 -21.59 -2.57 0.67
N LEU C 312 -20.99 -2.04 -0.39
CA LEU C 312 -20.11 -2.81 -1.26
C LEU C 312 -18.73 -2.19 -1.32
N THR C 313 -17.74 -3.05 -1.54
CA THR C 313 -16.37 -2.65 -1.84
C THR C 313 -15.98 -3.26 -3.18
N ARG C 314 -15.17 -2.53 -3.94
CA ARG C 314 -14.70 -2.97 -5.25
C ARG C 314 -13.28 -3.50 -5.13
N ASP C 315 -13.03 -4.66 -5.72
CA ASP C 315 -11.69 -5.25 -5.70
C ASP C 315 -10.71 -4.38 -6.47
N GLY C 316 -9.48 -4.32 -5.97
CA GLY C 316 -8.43 -3.63 -6.68
C GLY C 316 -8.20 -4.23 -8.06
N GLY C 317 -7.84 -3.37 -9.00
CA GLY C 317 -7.66 -3.75 -10.39
C GLY C 317 -6.99 -5.10 -10.59
N LYS C 318 -7.41 -5.83 -11.62
CA LYS C 318 -6.87 -7.15 -11.89
C LYS C 318 -5.88 -7.08 -13.04
N LYS C 320 -5.39 -7.80 -17.47
CA LYS C 320 -6.67 -7.38 -16.92
C LYS C 320 -7.78 -8.35 -17.32
N ASN C 321 -8.75 -8.55 -16.42
CA ASN C 321 -9.85 -9.45 -16.66
C ASN C 321 -11.03 -8.79 -17.36
N ASP C 322 -11.10 -7.45 -17.34
CA ASP C 322 -12.27 -6.72 -17.84
C ASP C 322 -13.54 -7.10 -17.09
N THR C 323 -13.39 -7.60 -15.86
CA THR C 323 -14.51 -7.99 -15.01
C THR C 323 -14.32 -7.35 -13.65
N GLU C 324 -15.30 -6.56 -13.23
CA GLU C 324 -15.24 -5.86 -11.96
C GLU C 324 -15.96 -6.67 -10.89
N THR C 325 -15.33 -6.82 -9.73
CA THR C 325 -15.84 -7.65 -8.65
C THR C 325 -16.18 -6.79 -7.44
N PHE C 326 -17.34 -7.07 -6.83
CA PHE C 326 -17.82 -6.32 -5.69
C PHE C 326 -18.17 -7.27 -4.56
N ARG C 327 -17.75 -6.92 -3.36
CA ARG C 327 -17.94 -7.75 -2.19
C ARG C 327 -18.61 -6.96 -1.08
N PRO C 328 -19.45 -7.59 -0.27
CA PRO C 328 -20.12 -6.85 0.81
C PRO C 328 -19.13 -6.43 1.89
N GLY C 329 -19.38 -5.26 2.46
CA GLY C 329 -18.53 -4.73 3.51
C GLY C 329 -19.30 -3.99 4.59
N GLY C 330 -18.62 -3.04 5.24
CA GLY C 330 -19.21 -2.28 6.31
C GLY C 330 -18.28 -2.24 7.50
N GLY C 331 -18.82 -1.81 8.64
CA GLY C 331 -18.05 -1.70 9.86
C GLY C 331 -18.01 -0.28 10.38
N ASP C 332 -17.84 0.68 9.47
CA ASP C 332 -17.89 2.10 9.79
C ASP C 332 -19.36 2.53 9.74
N MET C 333 -19.99 2.60 10.91
CA MET C 333 -21.41 2.92 10.96
C MET C 333 -21.72 4.32 10.46
N ARG C 334 -20.71 5.19 10.31
CA ARG C 334 -20.96 6.50 9.73
C ARG C 334 -21.63 6.38 8.36
N ASP C 335 -21.28 5.34 7.60
CA ASP C 335 -21.91 5.13 6.30
C ASP C 335 -23.38 4.73 6.44
N ASN C 336 -23.72 4.01 7.52
CA ASN C 336 -25.13 3.71 7.76
C ASN C 336 -25.94 4.99 7.95
N TRP C 337 -25.38 5.95 8.68
CA TRP C 337 -26.07 7.23 8.85
C TRP C 337 -26.00 8.05 7.58
N ARG C 338 -24.95 7.85 6.77
CA ARG C 338 -24.79 8.60 5.54
C ARG C 338 -25.88 8.25 4.53
N SER C 339 -26.26 6.97 4.47
CA SER C 339 -27.28 6.54 3.50
C SER C 339 -28.62 7.20 3.73
N GLU C 340 -28.86 7.76 4.93
CA GLU C 340 -30.11 8.43 5.23
C GLU C 340 -29.99 9.95 5.27
N LEU C 341 -28.79 10.48 5.43
CA LEU C 341 -28.57 11.91 5.52
C LEU C 341 -28.00 12.50 4.23
N TYR C 342 -27.90 11.71 3.16
CA TYR C 342 -27.25 12.17 1.94
C TYR C 342 -27.93 13.41 1.37
N LYS C 343 -29.24 13.54 1.56
CA LYS C 343 -30.01 14.61 0.94
C LYS C 343 -30.04 15.88 1.78
N TYR C 344 -29.28 15.94 2.87
CA TYR C 344 -29.39 17.03 3.82
C TYR C 344 -28.06 17.76 3.99
N LYS C 345 -28.14 19.04 4.31
CA LYS C 345 -26.98 19.85 4.62
C LYS C 345 -27.42 21.02 5.50
N VAL C 346 -26.55 21.41 6.43
CA VAL C 346 -26.84 22.50 7.35
C VAL C 346 -26.27 23.79 6.77
N VAL C 347 -27.08 24.87 6.85
CA VAL C 347 -26.67 26.18 6.36
C VAL C 347 -27.06 27.23 7.40
N GLU C 348 -26.34 28.34 7.38
CA GLU C 348 -26.57 29.44 8.30
C GLU C 348 -27.34 30.56 7.60
N ILE C 349 -28.47 30.96 8.19
CA ILE C 349 -29.28 32.02 7.63
C ILE C 349 -28.61 33.37 7.84
#